data_4C95
#
_entry.id   4C95
#
_cell.length_a   88.944
_cell.length_b   99.705
_cell.length_c   218.577
_cell.angle_alpha   90.00
_cell.angle_beta   90.00
_cell.angle_gamma   90.00
#
_symmetry.space_group_name_H-M   'P 2 21 21'
#
loop_
_entity.id
_entity.type
_entity.pdbx_description
1 polymer 'DNA POLYMERASE ALPHA-BINDING PROTEIN'
2 polymer 'DNA REPLICATION COMPLEX GINS PROTEIN SLD5'
3 water water
#
loop_
_entity_poly.entity_id
_entity_poly.type
_entity_poly.pdbx_seq_one_letter_code
_entity_poly.pdbx_strand_id
1 'polypeptide(L)'
;MGSSHHHHHHSQDPENLYFQGTGKFRYMPFSPAGTPFGFTDRRYLTMNEVGYVSTVKNSEQYSITVSFFDVGRFREYHFE
DLFGYDLCFLNEKGTLFGQSKTGQIQYRPHDSIHSNWTKIIPLQAGERITSVAATPVRVIVGTSLGYFRSFNQFGVPFAV
EKTSPIVALTAQNYRVFSVHYSQFHGLSYSLSELGTSSKRYYKRECPLPMSLPNINSDMKKDANLDYYNFNPMGIKSLFF
SSYGDPCIFGSDNTLLLLSKWRSPEESKWLPILDSNMEIWKMSGGKETTDIHVWPLALAYDTLNCILVKGKHIWPEFPLP
LPSEMEIRMPVFVKSKLLEENKAILNKKNEIGADTEAEEGEEDKEIQIPVSMAAEEEYLRSKVLSELLTDTLENDGEMYG
NENEVLAALNGAYDKALLRLFASACSDQNVEKALSLAHELKQDRALTAAVKISERAELPSLVKKINNIREARYEQQLK
;
A,B,C
2 'polypeptide(L)' MDINIDDILAELDKETTAV D,E
#
# COMPACT_ATOMS: atom_id res chain seq x y z
N PHE A 25 -13.85 -12.40 -8.04
CA PHE A 25 -12.92 -11.82 -9.01
C PHE A 25 -11.91 -12.86 -9.48
N ARG A 26 -11.67 -12.90 -10.78
CA ARG A 26 -10.76 -13.89 -11.37
C ARG A 26 -9.37 -13.30 -11.61
N TYR A 27 -8.38 -13.88 -10.93
CA TYR A 27 -6.98 -13.49 -11.12
C TYR A 27 -6.41 -14.07 -12.41
N MET A 28 -5.95 -13.20 -13.30
CA MET A 28 -5.37 -13.63 -14.57
C MET A 28 -3.85 -13.59 -14.51
N PRO A 29 -3.19 -14.54 -15.18
CA PRO A 29 -1.71 -14.59 -15.22
C PRO A 29 -1.12 -13.37 -15.91
N PHE A 30 -0.25 -12.65 -15.20
CA PHE A 30 0.30 -11.40 -15.71
C PHE A 30 1.77 -11.51 -16.10
N SER A 31 2.11 -10.85 -17.21
CA SER A 31 3.49 -10.69 -17.63
C SER A 31 3.62 -9.34 -18.32
N PRO A 32 4.77 -8.66 -18.11
CA PRO A 32 4.95 -7.32 -18.67
C PRO A 32 4.80 -7.30 -20.19
N ALA A 33 3.90 -6.46 -20.68
CA ALA A 33 3.68 -6.23 -22.11
C ALA A 33 3.24 -7.49 -22.87
N GLY A 34 2.61 -8.42 -22.17
CA GLY A 34 2.06 -9.61 -22.81
C GLY A 34 0.80 -9.30 -23.61
N THR A 35 0.58 -10.08 -24.67
CA THR A 35 -0.62 -9.89 -25.51
C THR A 35 -1.49 -11.14 -25.46
N PRO A 36 -2.80 -10.98 -25.71
CA PRO A 36 -3.71 -12.14 -25.77
C PRO A 36 -3.67 -12.84 -27.14
N PHE A 37 -4.16 -14.08 -27.19
CA PHE A 37 -4.28 -14.82 -28.44
C PHE A 37 -5.21 -14.15 -29.45
N GLY A 38 -6.35 -13.65 -28.97
CA GLY A 38 -7.36 -13.10 -29.85
C GLY A 38 -7.95 -14.19 -30.72
N PHE A 39 -7.88 -14.00 -32.04
CA PHE A 39 -8.37 -15.00 -32.98
C PHE A 39 -7.25 -15.81 -33.60
N THR A 40 -6.05 -15.75 -33.02
CA THR A 40 -4.92 -16.49 -33.57
C THR A 40 -4.44 -17.58 -32.62
N ASP A 41 -3.37 -18.26 -33.03
CA ASP A 41 -2.79 -19.34 -32.24
C ASP A 41 -1.45 -18.91 -31.67
N ARG A 42 -1.18 -17.61 -31.72
CA ARG A 42 0.07 -17.09 -31.19
C ARG A 42 -0.13 -15.77 -30.46
N ARG A 43 0.80 -15.49 -29.55
CA ARG A 43 0.78 -14.25 -28.77
C ARG A 43 2.16 -14.00 -28.19
N TYR A 44 2.36 -12.82 -27.63
CA TYR A 44 3.59 -12.53 -26.92
C TYR A 44 3.41 -12.81 -25.42
N LEU A 45 4.30 -13.61 -24.86
CA LEU A 45 4.27 -13.90 -23.44
C LEU A 45 4.73 -12.68 -22.65
N THR A 46 5.85 -12.10 -23.06
CA THR A 46 6.37 -10.90 -22.41
C THR A 46 7.25 -10.10 -23.37
N MET A 47 7.69 -8.93 -22.93
CA MET A 47 8.30 -7.96 -23.82
C MET A 47 8.93 -6.79 -23.06
N ASN A 48 10.20 -6.48 -23.36
CA ASN A 48 10.85 -5.32 -22.77
C ASN A 48 12.04 -4.85 -23.59
N GLU A 49 12.99 -4.16 -22.95
CA GLU A 49 14.12 -3.57 -23.67
C GLU A 49 15.11 -4.64 -24.14
N VAL A 50 15.11 -5.79 -23.49
CA VAL A 50 16.02 -6.87 -23.84
C VAL A 50 15.59 -7.59 -25.10
N GLY A 51 14.30 -7.88 -25.21
CA GLY A 51 13.76 -8.58 -26.35
C GLY A 51 12.29 -8.93 -26.16
N TYR A 52 11.82 -9.94 -26.88
CA TYR A 52 10.43 -10.37 -26.79
C TYR A 52 10.33 -11.89 -26.84
N VAL A 53 9.29 -12.41 -26.19
CA VAL A 53 9.05 -13.85 -26.13
C VAL A 53 7.65 -14.18 -26.63
N SER A 54 7.56 -15.05 -27.63
CA SER A 54 6.28 -15.42 -28.21
C SER A 54 6.00 -16.91 -28.06
N THR A 55 4.72 -17.28 -28.15
CA THR A 55 4.34 -18.69 -28.08
C THR A 55 3.31 -18.99 -29.17
N VAL A 56 3.44 -20.17 -29.78
CA VAL A 56 2.52 -20.58 -30.84
C VAL A 56 1.87 -21.92 -30.48
N LYS A 57 0.55 -22.01 -30.68
CA LYS A 57 -0.17 -23.26 -30.45
C LYS A 57 0.26 -24.32 -31.47
N ASN A 58 0.81 -25.41 -30.96
CA ASN A 58 1.29 -26.51 -31.80
C ASN A 58 0.48 -27.78 -31.56
N SER A 59 -0.72 -27.83 -32.14
CA SER A 59 -1.67 -28.91 -31.90
C SER A 59 -2.02 -28.99 -30.41
N GLU A 60 -1.35 -29.90 -29.70
CA GLU A 60 -1.60 -30.06 -28.26
C GLU A 60 -0.47 -29.51 -27.41
N GLN A 61 0.56 -28.96 -28.05
CA GLN A 61 1.67 -28.34 -27.34
C GLN A 61 1.91 -26.92 -27.82
N TYR A 62 3.08 -26.37 -27.46
CA TYR A 62 3.41 -25.00 -27.82
C TYR A 62 4.83 -24.83 -28.33
N SER A 63 5.03 -23.85 -29.19
CA SER A 63 6.36 -23.48 -29.67
C SER A 63 6.73 -22.10 -29.15
N ILE A 64 7.71 -22.05 -28.25
CA ILE A 64 8.14 -20.79 -27.64
C ILE A 64 9.38 -20.25 -28.31
N THR A 65 9.34 -18.98 -28.71
CA THR A 65 10.49 -18.32 -29.31
C THR A 65 10.98 -17.15 -28.45
N VAL A 66 12.29 -17.13 -28.18
CA VAL A 66 12.89 -16.04 -27.41
C VAL A 66 13.81 -15.21 -28.31
N SER A 67 13.39 -13.98 -28.61
CA SER A 67 14.15 -13.12 -29.51
C SER A 67 14.75 -11.92 -28.78
N PHE A 68 15.76 -11.31 -29.37
CA PHE A 68 16.46 -10.19 -28.75
C PHE A 68 16.56 -9.00 -29.69
N PHE A 69 16.66 -7.81 -29.12
CA PHE A 69 16.80 -6.59 -29.90
C PHE A 69 18.27 -6.30 -30.20
N ASP A 70 19.14 -6.74 -29.31
CA ASP A 70 20.58 -6.67 -29.53
C ASP A 70 21.06 -8.00 -30.10
N VAL A 71 20.98 -8.14 -31.42
CA VAL A 71 21.30 -9.40 -32.09
C VAL A 71 22.78 -9.78 -31.91
N GLY A 72 23.61 -8.79 -31.64
CA GLY A 72 25.03 -9.03 -31.42
C GLY A 72 25.33 -9.80 -30.15
N ARG A 73 24.68 -9.43 -29.05
CA ARG A 73 24.91 -10.08 -27.77
C ARG A 73 24.33 -11.49 -27.72
N PHE A 74 23.02 -11.60 -27.88
CA PHE A 74 22.33 -12.87 -27.69
C PHE A 74 21.81 -13.44 -29.01
N ARG A 75 21.66 -14.75 -29.06
CA ARG A 75 21.17 -15.43 -30.25
C ARG A 75 19.75 -15.94 -30.03
N GLU A 76 18.84 -15.52 -30.90
CA GLU A 76 17.44 -15.94 -30.85
C GLU A 76 17.33 -17.46 -30.88
N TYR A 77 16.53 -18.01 -29.97
CA TYR A 77 16.32 -19.46 -29.94
C TYR A 77 14.85 -19.81 -29.72
N HIS A 78 14.54 -21.09 -29.88
CA HIS A 78 13.18 -21.57 -29.66
C HIS A 78 13.18 -23.00 -29.12
N PHE A 79 12.08 -23.39 -28.50
CA PHE A 79 11.95 -24.73 -27.95
C PHE A 79 10.49 -25.11 -27.84
N GLU A 80 10.23 -26.38 -27.56
CA GLU A 80 8.86 -26.88 -27.49
C GLU A 80 8.35 -26.88 -26.06
N ASP A 81 7.16 -26.31 -25.87
CA ASP A 81 6.58 -26.18 -24.55
C ASP A 81 5.51 -27.25 -24.33
N LEU A 82 5.84 -28.23 -23.51
CA LEU A 82 4.93 -29.33 -23.21
C LEU A 82 4.08 -29.06 -21.97
N PHE A 83 4.14 -27.84 -21.45
CA PHE A 83 3.44 -27.52 -20.21
C PHE A 83 2.37 -26.45 -20.42
N GLY A 84 2.60 -25.56 -21.36
CA GLY A 84 1.67 -24.47 -21.63
C GLY A 84 1.96 -23.25 -20.79
N TYR A 85 3.21 -22.80 -20.82
CA TYR A 85 3.62 -21.61 -20.09
C TYR A 85 2.83 -20.38 -20.51
N ASP A 86 2.15 -19.75 -19.56
CA ASP A 86 1.38 -18.54 -19.84
C ASP A 86 1.97 -17.37 -19.06
N LEU A 87 3.06 -17.62 -18.36
CA LEU A 87 3.75 -16.60 -17.58
C LEU A 87 5.19 -16.51 -18.01
N CYS A 88 5.72 -15.29 -18.10
CA CYS A 88 7.10 -15.11 -18.52
C CYS A 88 7.69 -13.81 -17.99
N PHE A 89 9.00 -13.83 -17.78
CA PHE A 89 9.75 -12.62 -17.48
C PHE A 89 11.14 -12.72 -18.11
N LEU A 90 11.54 -11.66 -18.80
CA LEU A 90 12.81 -11.66 -19.52
C LEU A 90 13.78 -10.62 -18.97
N ASN A 91 15.00 -11.06 -18.65
CA ASN A 91 16.07 -10.15 -18.29
C ASN A 91 17.30 -10.42 -19.14
N GLU A 92 18.41 -9.74 -18.83
CA GLU A 92 19.61 -9.82 -19.66
C GLU A 92 20.43 -11.09 -19.48
N LYS A 93 20.16 -11.85 -18.43
CA LYS A 93 20.94 -13.06 -18.16
C LYS A 93 20.15 -14.33 -18.41
N GLY A 94 18.83 -14.24 -18.36
CA GLY A 94 18.00 -15.43 -18.54
C GLY A 94 16.54 -15.12 -18.80
N THR A 95 15.76 -16.17 -19.00
CA THR A 95 14.32 -16.06 -19.21
C THR A 95 13.60 -16.96 -18.22
N LEU A 96 12.58 -16.41 -17.55
CA LEU A 96 11.81 -17.19 -16.59
C LEU A 96 10.43 -17.55 -17.17
N PHE A 97 10.04 -18.81 -17.03
CA PHE A 97 8.76 -19.28 -17.53
C PHE A 97 7.90 -19.84 -16.41
N GLY A 98 6.59 -19.66 -16.52
CA GLY A 98 5.68 -20.12 -15.49
C GLY A 98 4.37 -20.67 -16.02
N GLN A 99 3.84 -21.68 -15.33
CA GLN A 99 2.54 -22.24 -15.67
C GLN A 99 1.56 -21.94 -14.53
N SER A 100 0.55 -21.14 -14.82
CA SER A 100 -0.32 -20.58 -13.78
C SER A 100 -1.15 -21.63 -13.04
N LYS A 101 -1.44 -22.76 -13.68
CA LYS A 101 -2.33 -23.74 -13.10
C LYS A 101 -1.60 -24.89 -12.40
N THR A 102 -0.57 -25.43 -13.05
CA THR A 102 0.15 -26.55 -12.46
C THR A 102 1.23 -26.06 -11.51
N GLY A 103 1.62 -24.79 -11.67
CA GLY A 103 2.60 -24.18 -10.80
C GLY A 103 4.02 -24.56 -11.15
N GLN A 104 4.24 -25.00 -12.38
CA GLN A 104 5.57 -25.38 -12.80
C GLN A 104 6.29 -24.17 -13.41
N ILE A 105 7.51 -23.92 -12.92
CA ILE A 105 8.33 -22.84 -13.43
C ILE A 105 9.63 -23.35 -14.03
N GLN A 106 10.24 -22.56 -14.91
CA GLN A 106 11.53 -22.90 -15.50
C GLN A 106 12.37 -21.66 -15.78
N TYR A 107 13.64 -21.71 -15.40
CA TYR A 107 14.56 -20.63 -15.70
C TYR A 107 15.60 -21.07 -16.72
N ARG A 108 15.72 -20.31 -17.80
CA ARG A 108 16.66 -20.63 -18.87
C ARG A 108 17.65 -19.50 -19.09
N PRO A 109 18.88 -19.67 -18.57
CA PRO A 109 19.96 -18.71 -18.83
C PRO A 109 20.21 -18.56 -20.32
N HIS A 110 20.52 -17.34 -20.75
CA HIS A 110 20.80 -17.07 -22.16
C HIS A 110 22.03 -17.81 -22.64
N ASP A 111 23.08 -17.83 -21.82
CA ASP A 111 24.30 -18.53 -22.18
C ASP A 111 24.15 -20.02 -21.87
N SER A 112 24.74 -20.87 -22.71
CA SER A 112 24.61 -22.31 -22.54
C SER A 112 25.53 -22.82 -21.43
N ILE A 113 26.42 -21.94 -20.99
CA ILE A 113 27.35 -22.22 -19.91
C ILE A 113 26.61 -22.68 -18.65
N HIS A 114 25.53 -21.97 -18.33
CA HIS A 114 24.75 -22.28 -17.13
C HIS A 114 23.58 -23.18 -17.50
N SER A 115 23.21 -24.07 -16.58
CA SER A 115 22.16 -25.03 -16.87
C SER A 115 20.77 -24.48 -16.62
N ASN A 116 19.79 -25.00 -17.35
CA ASN A 116 18.39 -24.74 -17.06
C ASN A 116 17.99 -25.46 -15.78
N TRP A 117 17.01 -24.91 -15.05
CA TRP A 117 16.43 -25.65 -13.95
C TRP A 117 14.92 -25.48 -13.92
N THR A 118 14.24 -26.50 -13.41
CA THR A 118 12.79 -26.54 -13.39
C THR A 118 12.30 -26.79 -11.97
N LYS A 119 11.18 -26.17 -11.62
CA LYS A 119 10.61 -26.33 -10.29
C LYS A 119 9.09 -26.36 -10.37
N ILE A 120 8.47 -27.02 -9.41
CA ILE A 120 7.01 -27.01 -9.31
C ILE A 120 6.58 -26.32 -8.02
N ILE A 121 5.90 -25.19 -8.17
CA ILE A 121 5.41 -24.43 -7.03
C ILE A 121 4.14 -25.07 -6.48
N PRO A 122 4.12 -25.34 -5.17
CA PRO A 122 2.93 -25.87 -4.49
C PRO A 122 1.75 -24.92 -4.56
N LEU A 123 0.59 -25.43 -4.95
CA LEU A 123 -0.61 -24.60 -5.08
C LEU A 123 -1.80 -25.23 -4.38
N GLN A 124 -2.43 -24.47 -3.50
CA GLN A 124 -3.65 -24.89 -2.83
C GLN A 124 -4.82 -24.88 -3.81
N ALA A 125 -6.00 -25.26 -3.34
CA ALA A 125 -7.19 -25.31 -4.18
C ALA A 125 -7.60 -23.92 -4.68
N GLY A 126 -7.63 -23.76 -5.99
CA GLY A 126 -8.03 -22.51 -6.60
C GLY A 126 -6.89 -21.50 -6.71
N GLU A 127 -5.78 -21.81 -6.07
CA GLU A 127 -4.62 -20.92 -6.08
C GLU A 127 -3.90 -20.98 -7.42
N ARG A 128 -3.63 -19.81 -7.99
CA ARG A 128 -2.93 -19.70 -9.27
C ARG A 128 -1.67 -18.86 -9.10
N ILE A 129 -0.66 -19.13 -9.91
CA ILE A 129 0.47 -18.22 -10.02
C ILE A 129 0.02 -17.06 -10.88
N THR A 130 0.14 -15.84 -10.35
CA THR A 130 -0.38 -14.68 -11.05
C THR A 130 0.71 -13.88 -11.76
N SER A 131 1.94 -13.99 -11.26
CA SER A 131 3.06 -13.23 -11.83
C SER A 131 4.40 -13.81 -11.38
N VAL A 132 5.36 -13.82 -12.29
CA VAL A 132 6.73 -14.21 -11.96
C VAL A 132 7.70 -13.12 -12.41
N ALA A 133 8.85 -13.05 -11.74
CA ALA A 133 9.88 -12.08 -12.09
C ALA A 133 11.25 -12.66 -11.80
N ALA A 134 12.26 -12.19 -12.53
CA ALA A 134 13.62 -12.67 -12.35
C ALA A 134 14.66 -11.59 -12.63
N THR A 135 15.65 -11.52 -11.76
CA THR A 135 16.85 -10.72 -12.01
C THR A 135 18.00 -11.69 -12.20
N PRO A 136 19.19 -11.18 -12.56
CA PRO A 136 20.35 -12.08 -12.58
C PRO A 136 20.63 -12.79 -11.26
N VAL A 137 20.10 -12.27 -10.15
CA VAL A 137 20.40 -12.85 -8.84
C VAL A 137 19.18 -13.32 -8.06
N ARG A 138 17.98 -12.99 -8.56
CA ARG A 138 16.76 -13.37 -7.85
C ARG A 138 15.66 -13.87 -8.79
N VAL A 139 14.91 -14.86 -8.32
CA VAL A 139 13.73 -15.36 -9.02
C VAL A 139 12.52 -15.26 -8.10
N ILE A 140 11.45 -14.62 -8.59
CA ILE A 140 10.27 -14.36 -7.75
C ILE A 140 9.00 -14.96 -8.33
N VAL A 141 8.18 -15.55 -7.47
CA VAL A 141 6.89 -16.09 -7.86
C VAL A 141 5.78 -15.60 -6.92
N GLY A 142 4.72 -15.02 -7.49
CA GLY A 142 3.59 -14.56 -6.71
C GLY A 142 2.30 -15.27 -7.06
N THR A 143 1.45 -15.50 -6.06
CA THR A 143 0.20 -16.23 -6.28
C THR A 143 -1.06 -15.42 -5.93
N SER A 144 -2.21 -16.00 -6.24
CA SER A 144 -3.51 -15.36 -6.01
C SER A 144 -3.93 -15.39 -4.54
N LEU A 145 -3.25 -16.21 -3.75
CA LEU A 145 -3.52 -16.28 -2.31
C LEU A 145 -2.53 -15.42 -1.53
N GLY A 146 -1.61 -14.78 -2.25
CA GLY A 146 -0.66 -13.90 -1.63
C GLY A 146 0.62 -14.60 -1.18
N TYR A 147 0.90 -15.75 -1.78
CA TYR A 147 2.14 -16.43 -1.49
C TYR A 147 3.28 -15.83 -2.31
N PHE A 148 4.35 -15.47 -1.62
CA PHE A 148 5.50 -14.80 -2.21
C PHE A 148 6.74 -15.68 -2.06
N ARG A 149 7.11 -16.36 -3.13
CA ARG A 149 8.22 -17.30 -3.08
C ARG A 149 9.42 -16.78 -3.86
N SER A 150 10.58 -16.73 -3.20
CA SER A 150 11.79 -16.20 -3.82
C SER A 150 12.89 -17.26 -3.87
N PHE A 151 13.73 -17.13 -4.88
CA PHE A 151 14.84 -18.06 -5.10
C PHE A 151 16.05 -17.27 -5.59
N ASN A 152 17.21 -17.91 -5.60
CA ASN A 152 18.34 -17.33 -6.30
C ASN A 152 18.31 -17.81 -7.75
N GLN A 153 19.28 -17.40 -8.57
CA GLN A 153 19.26 -17.74 -9.98
C GLN A 153 19.40 -19.24 -10.23
N PHE A 154 19.75 -19.99 -9.19
CA PHE A 154 19.99 -21.42 -9.33
C PHE A 154 18.84 -22.28 -8.81
N GLY A 155 17.84 -21.64 -8.24
CA GLY A 155 16.65 -22.34 -7.77
C GLY A 155 16.65 -22.67 -6.29
N VAL A 156 17.64 -22.14 -5.58
CA VAL A 156 17.70 -22.32 -4.13
C VAL A 156 16.71 -21.39 -3.43
N PRO A 157 15.72 -21.96 -2.74
CA PRO A 157 14.69 -21.11 -2.12
C PRO A 157 15.26 -20.32 -0.95
N PHE A 158 14.81 -19.09 -0.77
CA PHE A 158 15.22 -18.28 0.36
C PHE A 158 14.19 -18.20 1.48
N ALA A 159 12.97 -17.81 1.14
CA ALA A 159 11.88 -17.81 2.12
C ALA A 159 10.52 -17.67 1.46
N VAL A 160 9.53 -18.35 2.03
CA VAL A 160 8.16 -18.21 1.59
C VAL A 160 7.45 -17.17 2.46
N GLU A 161 6.82 -16.19 1.83
CA GLU A 161 6.14 -15.14 2.58
C GLU A 161 4.66 -15.07 2.22
N LYS A 162 3.82 -14.73 3.19
CA LYS A 162 2.40 -14.53 2.96
C LYS A 162 2.08 -13.04 2.94
N THR A 163 1.51 -12.56 1.85
CA THR A 163 1.09 -11.17 1.73
C THR A 163 -0.33 -11.12 1.19
N SER A 164 -0.77 -9.92 0.80
CA SER A 164 -2.04 -9.77 0.10
C SER A 164 -1.91 -10.40 -1.28
N PRO A 165 -3.04 -10.84 -1.87
CA PRO A 165 -3.03 -11.42 -3.21
C PRO A 165 -2.25 -10.57 -4.21
N ILE A 166 -1.33 -11.21 -4.93
CA ILE A 166 -0.45 -10.54 -5.87
C ILE A 166 -1.03 -10.59 -7.28
N VAL A 167 -0.99 -9.49 -8.00
CA VAL A 167 -1.49 -9.48 -9.37
C VAL A 167 -0.38 -9.19 -10.39
N ALA A 168 0.69 -8.53 -9.95
CA ALA A 168 1.78 -8.18 -10.86
C ALA A 168 3.12 -8.02 -10.15
N LEU A 169 4.17 -8.52 -10.79
CA LEU A 169 5.53 -8.43 -10.24
C LEU A 169 6.53 -7.90 -11.26
N THR A 170 7.50 -7.15 -10.77
CA THR A 170 8.70 -6.86 -11.53
C THR A 170 9.87 -6.73 -10.56
N ALA A 171 11.08 -6.86 -11.07
CA ALA A 171 12.25 -6.84 -10.21
C ALA A 171 13.46 -6.31 -10.95
N GLN A 172 14.42 -5.80 -10.20
CA GLN A 172 15.66 -5.29 -10.75
C GLN A 172 16.76 -5.47 -9.72
N ASN A 173 17.76 -6.29 -10.08
CA ASN A 173 18.84 -6.67 -9.15
C ASN A 173 18.29 -7.32 -7.88
N TYR A 174 18.29 -6.60 -6.77
CA TYR A 174 17.81 -7.15 -5.51
C TYR A 174 16.48 -6.55 -5.07
N ARG A 175 15.91 -5.69 -5.90
CA ARG A 175 14.70 -4.97 -5.51
C ARG A 175 13.45 -5.49 -6.24
N VAL A 176 12.34 -5.52 -5.51
CA VAL A 176 11.09 -6.06 -6.05
C VAL A 176 9.95 -5.06 -5.94
N PHE A 177 9.24 -4.85 -7.04
CA PHE A 177 8.05 -4.01 -7.08
C PHE A 177 6.82 -4.88 -7.32
N SER A 178 5.95 -4.96 -6.32
CA SER A 178 4.79 -5.85 -6.40
C SER A 178 3.46 -5.09 -6.35
N VAL A 179 2.48 -5.54 -7.13
CA VAL A 179 1.15 -4.96 -7.10
C VAL A 179 0.16 -5.94 -6.46
N HIS A 180 -0.62 -5.44 -5.50
CA HIS A 180 -1.55 -6.28 -4.77
C HIS A 180 -3.00 -5.84 -4.96
N TYR A 181 -3.92 -6.75 -4.72
CA TYR A 181 -5.35 -6.45 -4.83
C TYR A 181 -6.16 -7.07 -3.71
N SER A 182 -7.04 -6.26 -3.12
CA SER A 182 -8.00 -6.75 -2.14
C SER A 182 -9.39 -6.26 -2.52
N GLN A 183 -10.42 -6.80 -1.88
CA GLN A 183 -11.78 -6.31 -2.08
C GLN A 183 -12.03 -5.07 -1.22
N PHE A 184 -11.02 -4.66 -0.45
CA PHE A 184 -11.14 -3.54 0.46
C PHE A 184 -10.47 -2.28 -0.07
N HIS A 185 -9.20 -2.39 -0.41
CA HIS A 185 -8.40 -1.24 -0.82
C HIS A 185 -8.41 -1.02 -2.33
N GLY A 186 -8.63 -2.09 -3.08
CA GLY A 186 -8.44 -2.02 -4.52
C GLY A 186 -7.01 -2.40 -4.82
N LEU A 187 -6.31 -1.55 -5.57
CA LEU A 187 -4.91 -1.82 -5.88
C LEU A 187 -3.97 -1.12 -4.91
N SER A 188 -2.99 -1.87 -4.42
CA SER A 188 -1.91 -1.33 -3.60
C SER A 188 -0.59 -1.84 -4.15
N TYR A 189 0.52 -1.32 -3.65
CA TYR A 189 1.83 -1.80 -4.09
C TYR A 189 2.81 -1.89 -2.92
N SER A 190 3.77 -2.78 -3.06
CA SER A 190 4.87 -2.88 -2.10
C SER A 190 6.20 -2.74 -2.82
N LEU A 191 7.16 -2.15 -2.13
CA LEU A 191 8.50 -1.98 -2.67
C LEU A 191 9.51 -2.52 -1.67
N SER A 192 10.26 -3.54 -2.07
CA SER A 192 11.14 -4.22 -1.13
C SER A 192 12.51 -4.51 -1.72
N GLU A 193 13.44 -4.84 -0.84
CA GLU A 193 14.78 -5.25 -1.23
C GLU A 193 15.08 -6.62 -0.67
N LEU A 194 15.51 -7.53 -1.53
CA LEU A 194 15.89 -8.87 -1.10
C LEU A 194 17.38 -8.93 -0.85
N GLY A 195 17.82 -8.42 0.29
CA GLY A 195 19.23 -8.45 0.63
C GLY A 195 19.72 -9.84 0.94
N THR A 196 20.98 -9.94 1.30
CA THR A 196 21.60 -11.22 1.64
C THR A 196 20.94 -11.81 2.88
N SER A 197 20.52 -10.95 3.81
CA SER A 197 20.05 -11.39 5.12
C SER A 197 18.54 -11.54 5.23
N SER A 198 17.80 -10.51 4.83
CA SER A 198 16.35 -10.54 5.00
C SER A 198 15.65 -9.61 4.02
N LYS A 199 14.32 -9.71 3.96
CA LYS A 199 13.55 -8.86 3.07
C LYS A 199 13.14 -7.60 3.81
N ARG A 200 13.53 -6.45 3.27
CA ARG A 200 13.20 -5.16 3.86
C ARG A 200 12.22 -4.39 2.99
N TYR A 201 11.20 -3.82 3.61
CA TYR A 201 10.20 -3.05 2.89
C TYR A 201 10.54 -1.57 2.88
N TYR A 202 10.63 -0.99 1.69
CA TYR A 202 10.68 0.46 1.54
C TYR A 202 9.27 1.00 1.67
N LYS A 203 8.33 0.31 1.02
CA LYS A 203 6.93 0.67 1.04
C LYS A 203 6.09 -0.59 1.18
N ARG A 204 5.11 -0.58 2.07
CA ARG A 204 4.30 -1.75 2.34
C ARG A 204 2.82 -1.51 2.09
N GLU A 205 2.33 -2.00 0.96
CA GLU A 205 0.92 -1.93 0.60
C GLU A 205 0.37 -0.50 0.66
N CYS A 206 1.06 0.41 -0.02
CA CYS A 206 0.60 1.78 -0.18
C CYS A 206 -0.35 1.90 -1.36
N PRO A 207 -1.21 2.94 -1.36
CA PRO A 207 -2.19 3.11 -2.44
C PRO A 207 -1.54 3.21 -3.82
N LEU A 208 -2.10 2.48 -4.78
CA LEU A 208 -1.64 2.55 -6.16
C LEU A 208 -2.70 3.29 -6.99
N PRO A 209 -2.44 4.57 -7.28
CA PRO A 209 -3.40 5.47 -7.94
C PRO A 209 -3.46 5.27 -9.45
N MET A 210 -3.38 4.03 -9.91
CA MET A 210 -3.51 3.75 -11.34
C MET A 210 -4.99 3.65 -11.70
N SER A 211 -5.39 4.35 -12.75
CA SER A 211 -6.77 4.30 -13.23
C SER A 211 -7.10 2.91 -13.75
N LEU A 212 -8.25 2.38 -13.32
CA LEU A 212 -8.71 1.08 -13.79
C LEU A 212 -9.50 1.24 -15.08
N PRO A 213 -9.64 0.14 -15.86
CA PRO A 213 -10.44 0.23 -17.09
C PRO A 213 -11.92 0.42 -16.80
N ASN A 214 -12.55 1.37 -17.49
CA ASN A 214 -13.99 1.58 -17.35
C ASN A 214 -14.77 0.94 -18.50
N ASP A 222 -17.06 -3.30 -26.75
CA ASP A 222 -15.79 -2.66 -27.07
C ASP A 222 -14.94 -3.58 -27.95
N ALA A 223 -14.09 -2.99 -28.78
CA ALA A 223 -13.26 -3.76 -29.71
C ALA A 223 -12.07 -4.43 -29.04
N ASN A 224 -11.70 -3.91 -27.88
CA ASN A 224 -10.52 -4.39 -27.16
C ASN A 224 -10.88 -5.22 -25.93
N LEU A 225 -12.13 -5.68 -25.87
CA LEU A 225 -12.61 -6.45 -24.73
C LEU A 225 -11.77 -7.71 -24.49
N ASP A 226 -11.26 -8.31 -25.57
CA ASP A 226 -10.41 -9.50 -25.45
C ASP A 226 -9.20 -9.23 -24.56
N TYR A 227 -8.68 -8.00 -24.63
CA TYR A 227 -7.52 -7.64 -23.82
C TYR A 227 -7.87 -7.58 -22.33
N TYR A 228 -8.99 -6.96 -22.01
CA TYR A 228 -9.36 -6.76 -20.62
C TYR A 228 -9.93 -8.03 -19.98
N ASN A 229 -10.25 -9.02 -20.82
CA ASN A 229 -10.56 -10.36 -20.30
C ASN A 229 -9.25 -11.04 -19.96
N PHE A 230 -8.22 -10.68 -20.74
CA PHE A 230 -6.88 -11.22 -20.57
C PHE A 230 -6.11 -10.46 -19.49
N ASN A 231 -6.42 -9.17 -19.36
CA ASN A 231 -5.75 -8.30 -18.40
C ASN A 231 -6.74 -7.33 -17.76
N PRO A 232 -7.49 -7.81 -16.76
CA PRO A 232 -8.58 -7.04 -16.13
C PRO A 232 -8.13 -5.69 -15.55
N MET A 233 -6.95 -5.64 -14.96
CA MET A 233 -6.46 -4.40 -14.35
C MET A 233 -6.03 -3.39 -15.41
N GLY A 234 -5.76 -3.87 -16.62
CA GLY A 234 -5.35 -3.01 -17.71
C GLY A 234 -3.90 -2.57 -17.59
N ILE A 235 -3.14 -3.25 -16.75
CA ILE A 235 -1.71 -2.97 -16.59
C ILE A 235 -0.96 -3.50 -17.80
N LYS A 236 -0.72 -2.62 -18.77
CA LYS A 236 -0.05 -3.02 -19.99
C LYS A 236 1.38 -3.47 -19.69
N SER A 237 2.09 -2.70 -18.87
CA SER A 237 3.37 -3.14 -18.35
C SER A 237 3.74 -2.39 -17.08
N LEU A 238 4.75 -2.90 -16.38
CA LEU A 238 5.32 -2.22 -15.22
C LEU A 238 6.79 -2.62 -15.10
N PHE A 239 7.62 -1.71 -14.60
CA PHE A 239 9.05 -1.93 -14.53
C PHE A 239 9.76 -0.90 -13.69
N PHE A 240 10.99 -1.21 -13.31
CA PHE A 240 11.89 -0.22 -12.78
C PHE A 240 12.47 0.54 -13.98
N SER A 241 12.69 1.84 -13.83
CA SER A 241 13.42 2.59 -14.85
C SER A 241 14.88 2.14 -14.80
N SER A 242 15.67 2.57 -15.77
CA SER A 242 17.08 2.20 -15.79
C SER A 242 17.81 2.74 -14.56
N TYR A 243 17.30 3.84 -14.00
CA TYR A 243 17.91 4.43 -12.81
C TYR A 243 17.29 3.89 -11.52
N GLY A 244 16.35 2.97 -11.65
CA GLY A 244 15.86 2.23 -10.50
C GLY A 244 14.59 2.75 -9.86
N ASP A 245 13.83 3.57 -10.57
CA ASP A 245 12.56 4.06 -10.04
C ASP A 245 11.37 3.31 -10.66
N PRO A 246 10.44 2.84 -9.81
CA PRO A 246 9.27 2.06 -10.24
C PRO A 246 8.35 2.82 -11.19
N CYS A 247 7.90 2.15 -12.24
CA CYS A 247 6.99 2.73 -13.21
C CYS A 247 5.85 1.78 -13.52
N ILE A 248 4.71 2.34 -13.92
CA ILE A 248 3.57 1.51 -14.30
C ILE A 248 2.80 2.19 -15.43
N PHE A 249 2.21 1.38 -16.30
CA PHE A 249 1.57 1.86 -17.51
C PHE A 249 0.23 1.17 -17.69
N GLY A 250 -0.84 1.88 -17.36
CA GLY A 250 -2.18 1.30 -17.38
C GLY A 250 -2.98 1.59 -18.63
N SER A 251 -4.27 1.33 -18.55
CA SER A 251 -5.17 1.44 -19.69
C SER A 251 -5.43 2.89 -20.10
N ASP A 252 -5.06 3.84 -19.24
CA ASP A 252 -5.18 5.25 -19.58
C ASP A 252 -3.97 5.70 -20.40
N ASN A 253 -3.07 4.76 -20.67
CA ASN A 253 -1.88 4.98 -21.49
C ASN A 253 -1.03 6.13 -20.94
N THR A 254 -1.01 6.24 -19.62
CA THR A 254 -0.20 7.25 -18.95
C THR A 254 0.90 6.57 -18.14
N LEU A 255 2.13 6.99 -18.39
CA LEU A 255 3.26 6.45 -17.65
C LEU A 255 3.32 7.09 -16.26
N LEU A 256 3.19 6.27 -15.22
CA LEU A 256 3.30 6.74 -13.85
C LEU A 256 4.62 6.32 -13.23
N LEU A 257 5.32 7.27 -12.62
CA LEU A 257 6.59 6.99 -11.98
C LEU A 257 6.52 7.30 -10.49
N LEU A 258 7.02 6.39 -9.67
CA LEU A 258 7.02 6.59 -8.21
C LEU A 258 8.23 7.41 -7.78
N SER A 259 7.96 8.59 -7.20
CA SER A 259 9.02 9.49 -6.77
C SER A 259 9.18 9.45 -5.26
N LYS A 260 10.41 9.67 -4.80
CA LYS A 260 10.70 9.78 -3.37
C LYS A 260 10.33 8.53 -2.59
N TRP A 261 10.57 7.35 -3.16
CA TRP A 261 10.16 6.11 -2.52
C TRP A 261 11.08 5.70 -1.38
N ARG A 262 12.21 6.39 -1.22
CA ARG A 262 13.13 6.10 -0.14
C ARG A 262 12.70 6.80 1.15
N SER A 263 11.77 7.73 1.00
CA SER A 263 11.20 8.44 2.15
C SER A 263 9.70 8.20 2.21
N PRO A 264 9.27 7.22 3.03
CA PRO A 264 7.89 6.74 3.12
C PRO A 264 6.83 7.84 3.13
N GLU A 265 7.12 8.95 3.81
CA GLU A 265 6.15 10.04 3.94
C GLU A 265 6.19 11.02 2.77
N GLU A 266 7.16 10.86 1.88
CA GLU A 266 7.33 11.79 0.77
C GLU A 266 7.00 11.18 -0.58
N SER A 267 6.72 9.87 -0.60
CA SER A 267 6.50 9.15 -1.85
C SER A 267 5.26 9.62 -2.60
N LYS A 268 5.42 9.86 -3.90
CA LYS A 268 4.35 10.35 -4.76
C LYS A 268 4.39 9.67 -6.13
N TRP A 269 3.23 9.42 -6.71
CA TRP A 269 3.17 8.93 -8.09
C TRP A 269 3.05 10.11 -9.06
N LEU A 270 3.93 10.15 -10.05
CA LEU A 270 3.99 11.25 -10.99
C LEU A 270 3.63 10.81 -12.40
N PRO A 271 2.64 11.47 -13.01
CA PRO A 271 2.37 11.23 -14.43
C PRO A 271 3.39 11.99 -15.28
N ILE A 272 4.26 11.26 -15.96
CA ILE A 272 5.37 11.90 -16.66
C ILE A 272 5.25 11.74 -18.17
N LEU A 273 4.19 11.08 -18.61
CA LEU A 273 3.93 10.92 -20.04
C LEU A 273 2.49 10.54 -20.34
N ASP A 274 1.81 11.41 -21.08
CA ASP A 274 0.52 11.06 -21.66
C ASP A 274 0.76 10.64 -23.11
N SER A 275 0.86 9.34 -23.35
CA SER A 275 1.21 8.86 -24.70
C SER A 275 0.11 9.17 -25.70
N ASN A 276 -1.13 9.25 -25.22
CA ASN A 276 -2.25 9.65 -26.07
C ASN A 276 -2.05 11.06 -26.61
N MET A 277 -1.56 11.95 -25.76
CA MET A 277 -1.32 13.33 -26.13
C MET A 277 -0.14 13.43 -27.09
N GLU A 278 0.87 12.59 -26.91
CA GLU A 278 2.05 12.58 -27.77
C GLU A 278 1.71 12.07 -29.17
N ILE A 279 0.87 11.05 -29.23
CA ILE A 279 0.37 10.53 -30.50
C ILE A 279 -0.41 11.62 -31.22
N TRP A 280 -1.26 12.30 -30.47
CA TRP A 280 -2.06 13.42 -30.99
C TRP A 280 -1.17 14.48 -31.62
N LYS A 281 -0.04 14.78 -30.97
CA LYS A 281 0.88 15.80 -31.45
C LYS A 281 1.66 15.34 -32.67
N MET A 282 1.99 14.06 -32.71
CA MET A 282 2.69 13.49 -33.86
C MET A 282 1.83 13.56 -35.12
N SER A 283 0.53 13.33 -34.95
CA SER A 283 -0.41 13.29 -36.06
C SER A 283 -0.83 14.67 -36.53
N GLY A 284 -0.09 15.69 -36.12
CA GLY A 284 -0.41 17.06 -36.47
C GLY A 284 -1.72 17.53 -35.85
N GLY A 285 -1.96 17.14 -34.60
CA GLY A 285 -3.13 17.57 -33.87
C GLY A 285 -4.42 16.89 -34.31
N LYS A 286 -4.30 15.70 -34.86
CA LYS A 286 -5.46 14.97 -35.37
C LYS A 286 -5.76 13.75 -34.50
N GLU A 287 -7.05 13.51 -34.25
CA GLU A 287 -7.46 12.34 -33.48
C GLU A 287 -7.36 11.06 -34.29
N THR A 288 -6.72 10.05 -33.70
CA THR A 288 -6.59 8.75 -34.35
C THR A 288 -7.29 7.67 -33.55
N THR A 289 -7.42 6.49 -34.14
CA THR A 289 -7.99 5.33 -33.47
C THR A 289 -7.20 4.08 -33.85
N ASP A 290 -6.12 4.30 -34.59
CA ASP A 290 -5.35 3.20 -35.16
C ASP A 290 -3.88 3.24 -34.78
N ILE A 291 -3.50 4.18 -33.93
CA ILE A 291 -2.12 4.26 -33.44
C ILE A 291 -2.09 4.11 -31.92
N HIS A 292 -1.34 3.13 -31.43
CA HIS A 292 -1.29 2.84 -30.00
C HIS A 292 0.13 2.62 -29.52
N VAL A 293 0.35 2.83 -28.22
CA VAL A 293 1.67 2.68 -27.62
C VAL A 293 1.74 1.45 -26.72
N TRP A 294 2.77 0.64 -26.92
CA TRP A 294 3.02 -0.54 -26.08
C TRP A 294 4.34 -0.39 -25.35
N PRO A 295 4.28 -0.22 -24.01
CA PRO A 295 5.46 0.14 -23.20
C PRO A 295 6.45 -1.02 -22.99
N LEU A 296 7.74 -0.75 -23.23
CA LEU A 296 8.77 -1.76 -22.99
C LEU A 296 9.60 -1.42 -21.77
N ALA A 297 10.05 -0.17 -21.71
CA ALA A 297 10.96 0.25 -20.66
C ALA A 297 11.09 1.77 -20.63
N LEU A 298 11.61 2.29 -19.52
CA LEU A 298 11.93 3.70 -19.42
C LEU A 298 13.42 3.90 -19.17
N ALA A 299 14.09 4.56 -20.11
CA ALA A 299 15.51 4.83 -20.00
C ALA A 299 15.74 6.33 -19.84
N TYR A 300 16.02 6.75 -18.61
CA TYR A 300 16.23 8.16 -18.27
C TYR A 300 14.99 9.00 -18.63
N ASP A 301 14.94 9.51 -19.85
CA ASP A 301 13.87 10.42 -20.25
C ASP A 301 13.11 9.89 -21.45
N THR A 302 13.42 8.65 -21.84
CA THR A 302 12.86 8.09 -23.05
C THR A 302 12.11 6.79 -22.78
N LEU A 303 10.86 6.75 -23.23
CA LEU A 303 10.06 5.54 -23.15
C LEU A 303 10.33 4.64 -24.35
N ASN A 304 10.92 3.48 -24.09
N ASN A 304 10.94 3.49 -24.09
CA ASN A 304 11.09 2.49 -25.15
CA ASN A 304 11.09 2.48 -25.12
C ASN A 304 9.78 1.75 -25.36
C ASN A 304 9.76 1.77 -25.34
N CYS A 305 9.27 1.77 -26.58
CA CYS A 305 7.97 1.19 -26.86
C CYS A 305 7.81 0.64 -28.27
N ILE A 306 6.69 -0.05 -28.48
CA ILE A 306 6.28 -0.45 -29.81
C ILE A 306 5.13 0.46 -30.24
N LEU A 307 5.24 1.06 -31.42
CA LEU A 307 4.12 1.83 -31.96
C LEU A 307 3.24 0.92 -32.80
N VAL A 308 2.09 0.57 -32.24
CA VAL A 308 1.18 -0.38 -32.87
C VAL A 308 0.20 0.32 -33.78
N LYS A 309 0.26 0.02 -35.07
CA LYS A 309 -0.67 0.57 -36.04
C LYS A 309 -1.66 -0.50 -36.49
N GLY A 310 -2.94 -0.26 -36.22
CA GLY A 310 -3.97 -1.21 -36.58
C GLY A 310 -5.23 -1.10 -35.72
N LYS A 311 -6.06 -2.13 -35.77
CA LYS A 311 -7.33 -2.12 -35.06
C LYS A 311 -7.14 -2.40 -33.56
N HIS A 312 -6.34 -3.42 -33.25
CA HIS A 312 -6.11 -3.80 -31.86
C HIS A 312 -5.00 -2.96 -31.24
N ILE A 313 -5.06 -2.78 -29.92
CA ILE A 313 -4.12 -1.91 -29.22
C ILE A 313 -2.83 -2.63 -28.81
N TRP A 314 -2.77 -3.93 -29.05
CA TRP A 314 -1.57 -4.70 -28.74
C TRP A 314 -0.81 -5.08 -30.02
N PRO A 315 0.53 -5.20 -29.91
CA PRO A 315 1.38 -5.51 -31.07
C PRO A 315 1.08 -6.88 -31.67
N GLU A 316 1.51 -7.08 -32.91
CA GLU A 316 1.18 -8.28 -33.65
C GLU A 316 2.44 -8.92 -34.23
N PHE A 317 2.25 -9.82 -35.20
CA PHE A 317 3.37 -10.50 -35.84
C PHE A 317 3.47 -10.10 -37.31
N PRO A 318 4.69 -9.75 -37.76
CA PRO A 318 5.93 -9.70 -36.97
C PRO A 318 6.00 -8.43 -36.12
N LEU A 319 6.79 -8.47 -35.06
CA LEU A 319 6.90 -7.33 -34.17
C LEU A 319 7.67 -6.20 -34.86
N PRO A 320 7.10 -5.00 -34.83
CA PRO A 320 7.76 -3.81 -35.38
C PRO A 320 9.07 -3.51 -34.67
N LEU A 321 9.89 -2.63 -35.25
CA LEU A 321 11.08 -2.18 -34.57
C LEU A 321 10.68 -1.25 -33.43
N PRO A 322 11.37 -1.36 -32.29
CA PRO A 322 11.06 -0.51 -31.13
C PRO A 322 11.22 0.97 -31.47
N SER A 323 10.32 1.80 -30.93
CA SER A 323 10.39 3.23 -31.13
C SER A 323 10.78 3.93 -29.84
N GLU A 324 11.11 5.21 -29.94
CA GLU A 324 11.43 6.01 -28.77
C GLU A 324 10.45 7.18 -28.63
N MET A 325 9.97 7.36 -27.41
CA MET A 325 9.05 8.45 -27.11
C MET A 325 9.54 9.21 -25.88
N GLU A 326 10.01 10.44 -26.08
CA GLU A 326 10.49 11.26 -24.97
C GLU A 326 9.36 11.59 -24.02
N ILE A 327 9.63 11.52 -22.72
CA ILE A 327 8.60 11.82 -21.73
C ILE A 327 8.31 13.32 -21.72
N ARG A 328 7.05 13.65 -21.49
CA ARG A 328 6.60 15.04 -21.45
C ARG A 328 5.60 15.23 -20.32
N MET A 329 5.82 16.23 -19.47
CA MET A 329 4.87 16.54 -18.41
C MET A 329 3.53 16.93 -19.01
N PRO A 330 2.44 16.34 -18.49
CA PRO A 330 1.11 16.60 -19.06
C PRO A 330 0.55 17.96 -18.65
N VAL A 331 1.06 19.01 -19.29
CA VAL A 331 0.63 20.38 -18.99
C VAL A 331 0.16 21.11 -20.25
N PHE A 332 0.07 20.39 -21.36
CA PHE A 332 -0.34 20.99 -22.63
C PHE A 332 -1.83 20.81 -22.88
N VAL A 333 -2.46 21.86 -23.39
CA VAL A 333 -3.89 21.81 -23.73
C VAL A 333 -4.07 21.76 -25.24
N LYS A 334 -4.93 20.86 -25.69
CA LYS A 334 -5.16 20.66 -27.13
C LYS A 334 -5.63 21.94 -27.82
N SER A 335 -6.57 22.64 -27.19
CA SER A 335 -7.12 23.87 -27.76
C SER A 335 -6.05 24.94 -27.92
N LYS A 336 -5.17 25.06 -26.93
CA LYS A 336 -4.12 26.08 -26.97
C LYS A 336 -3.01 25.71 -27.95
N LEU A 337 -2.77 24.42 -28.13
CA LEU A 337 -1.74 23.96 -29.07
C LEU A 337 -2.13 24.23 -30.51
N LEU A 338 -3.44 24.10 -30.79
CA LEU A 338 -3.95 24.35 -32.12
C LEU A 338 -3.82 25.82 -32.51
N GLU A 339 -4.15 26.71 -31.58
CA GLU A 339 -4.11 28.15 -31.83
C GLU A 339 -2.73 28.64 -32.27
N GLU A 340 -1.68 28.10 -31.64
CA GLU A 340 -0.32 28.54 -31.93
C GLU A 340 0.21 27.99 -33.25
N ASN A 341 -0.63 27.24 -33.96
CA ASN A 341 -0.27 26.72 -35.28
C ASN A 341 -1.06 27.39 -36.39
N GLU A 365 3.54 17.74 -37.93
CA GLU A 365 3.74 17.67 -36.49
C GLU A 365 3.47 19.03 -35.83
N ILE A 366 2.84 19.00 -34.66
CA ILE A 366 2.46 20.21 -33.95
C ILE A 366 3.67 21.02 -33.48
N GLN A 367 3.65 22.32 -33.76
CA GLN A 367 4.72 23.22 -33.35
C GLN A 367 4.40 23.83 -31.99
N ILE A 368 5.39 23.85 -31.10
CA ILE A 368 5.20 24.41 -29.76
C ILE A 368 5.96 25.72 -29.62
N PRO A 369 5.26 26.79 -29.23
CA PRO A 369 5.89 28.09 -28.97
C PRO A 369 6.92 28.02 -27.84
N VAL A 370 8.05 28.70 -28.03
CA VAL A 370 9.19 28.65 -27.11
C VAL A 370 8.81 28.93 -25.65
N SER A 371 7.90 29.88 -25.44
CA SER A 371 7.48 30.23 -24.09
C SER A 371 6.69 29.09 -23.44
N MET A 372 5.87 28.42 -24.25
CA MET A 372 5.06 27.32 -23.75
C MET A 372 5.90 26.07 -23.51
N ALA A 373 6.88 25.85 -24.38
CA ALA A 373 7.76 24.69 -24.26
C ALA A 373 8.72 24.84 -23.09
N ALA A 374 8.98 26.08 -22.70
CA ALA A 374 9.90 26.36 -21.60
C ALA A 374 9.29 25.93 -20.27
N GLU A 375 7.97 26.06 -20.16
CA GLU A 375 7.27 25.68 -18.95
C GLU A 375 7.35 24.17 -18.72
N GLU A 376 7.07 23.41 -19.78
CA GLU A 376 7.12 21.96 -19.70
C GLU A 376 8.54 21.48 -19.45
N GLU A 377 9.52 22.13 -20.11
CA GLU A 377 10.91 21.73 -19.97
C GLU A 377 11.42 21.99 -18.56
N TYR A 378 10.96 23.10 -17.98
CA TYR A 378 11.28 23.43 -16.59
C TYR A 378 10.77 22.35 -15.64
N LEU A 379 9.49 22.02 -15.78
CA LEU A 379 8.89 20.99 -14.94
C LEU A 379 9.56 19.63 -15.16
N ARG A 380 9.79 19.29 -16.43
CA ARG A 380 10.39 17.99 -16.76
C ARG A 380 11.79 17.90 -16.19
N SER A 381 12.55 18.99 -16.30
CA SER A 381 13.89 19.03 -15.74
C SER A 381 13.85 18.95 -14.22
N LYS A 382 12.88 19.65 -13.62
CA LYS A 382 12.74 19.68 -12.17
C LYS A 382 12.52 18.29 -11.59
N VAL A 383 11.62 17.53 -12.21
CA VAL A 383 11.30 16.18 -11.78
C VAL A 383 12.49 15.25 -11.97
N LEU A 384 13.05 15.23 -13.16
CA LEU A 384 14.18 14.35 -13.49
C LEU A 384 15.40 14.65 -12.63
N SER A 385 15.66 15.93 -12.39
CA SER A 385 16.78 16.33 -11.55
C SER A 385 16.63 15.85 -10.11
N GLU A 386 15.42 15.97 -9.59
CA GLU A 386 15.14 15.56 -8.21
C GLU A 386 15.29 14.05 -8.05
N LEU A 387 14.80 13.30 -9.04
CA LEU A 387 14.87 11.85 -9.00
C LEU A 387 16.30 11.34 -9.07
N LEU A 388 17.06 11.91 -10.01
CA LEU A 388 18.41 11.43 -10.27
C LEU A 388 19.33 11.77 -9.11
N THR A 389 19.12 12.94 -8.52
CA THR A 389 19.89 13.37 -7.36
C THR A 389 19.67 12.42 -6.19
N ASP A 390 18.42 12.04 -5.97
CA ASP A 390 18.09 11.09 -4.90
C ASP A 390 18.78 9.76 -5.15
N THR A 391 18.85 9.36 -6.41
CA THR A 391 19.53 8.12 -6.78
C THR A 391 21.01 8.21 -6.44
N LEU A 392 21.64 9.30 -6.82
CA LEU A 392 23.08 9.47 -6.60
C LEU A 392 23.40 9.65 -5.12
N GLU A 393 22.53 10.31 -4.37
CA GLU A 393 22.77 10.54 -2.96
C GLU A 393 22.55 9.29 -2.11
N ASN A 394 22.02 8.23 -2.71
CA ASN A 394 21.72 7.02 -1.95
C ASN A 394 22.32 5.74 -2.50
N ASP A 395 22.26 5.57 -3.81
CA ASP A 395 22.69 4.32 -4.43
C ASP A 395 23.96 4.49 -5.26
N GLY A 396 24.20 5.71 -5.72
CA GLY A 396 25.34 5.96 -6.58
C GLY A 396 25.05 5.64 -8.04
N GLU A 397 26.12 5.55 -8.81
CA GLU A 397 26.04 5.34 -10.25
C GLU A 397 25.74 3.90 -10.63
N MET A 398 25.19 3.71 -11.83
CA MET A 398 24.88 2.37 -12.33
C MET A 398 25.44 2.14 -13.73
N TYR A 399 25.34 3.16 -14.57
CA TYR A 399 25.77 3.03 -15.97
C TYR A 399 27.05 3.79 -16.28
N GLY A 400 27.33 4.85 -15.52
CA GLY A 400 28.58 5.56 -15.67
C GLY A 400 28.47 6.96 -16.21
N ASN A 401 27.26 7.38 -16.56
CA ASN A 401 27.06 8.73 -17.09
C ASN A 401 26.04 9.55 -16.30
N GLU A 402 25.64 9.05 -15.14
CA GLU A 402 24.62 9.72 -14.33
C GLU A 402 25.04 11.12 -13.90
N ASN A 403 26.28 11.27 -13.46
CA ASN A 403 26.81 12.56 -13.02
C ASN A 403 26.78 13.59 -14.13
N GLU A 404 27.08 13.15 -15.34
CA GLU A 404 27.07 14.01 -16.51
C GLU A 404 25.64 14.35 -16.92
N VAL A 405 24.75 13.35 -16.83
CA VAL A 405 23.34 13.54 -17.10
C VAL A 405 22.75 14.57 -16.14
N LEU A 406 23.02 14.40 -14.85
CA LEU A 406 22.51 15.32 -13.83
C LEU A 406 23.02 16.74 -14.06
N ALA A 407 24.28 16.88 -14.46
CA ALA A 407 24.86 18.19 -14.72
C ALA A 407 24.16 18.87 -15.88
N ALA A 408 23.99 18.14 -16.98
CA ALA A 408 23.30 18.68 -18.16
C ALA A 408 21.85 19.00 -17.83
N LEU A 409 21.27 18.15 -16.98
CA LEU A 409 19.88 18.30 -16.56
C LEU A 409 19.66 19.63 -15.86
N ASN A 410 20.49 19.91 -14.85
CA ASN A 410 20.42 21.16 -14.12
C ASN A 410 20.67 22.39 -15.01
N GLY A 411 21.48 22.21 -16.04
CA GLY A 411 21.73 23.26 -17.01
C GLY A 411 20.47 23.58 -17.80
N ALA A 412 19.80 22.53 -18.25
CA ALA A 412 18.56 22.69 -19.01
C ALA A 412 17.45 23.26 -18.15
N TYR A 413 17.50 22.93 -16.86
CA TYR A 413 16.52 23.43 -15.89
C TYR A 413 16.58 24.95 -15.79
N ASP A 414 17.77 25.47 -15.50
CA ASP A 414 17.95 26.91 -15.35
C ASP A 414 17.72 27.65 -16.66
N LYS A 415 18.11 27.03 -17.77
CA LYS A 415 17.94 27.64 -19.09
C LYS A 415 16.45 27.81 -19.41
N ALA A 416 15.66 26.77 -19.15
CA ALA A 416 14.22 26.83 -19.39
C ALA A 416 13.58 27.83 -18.44
N LEU A 417 14.10 27.90 -17.23
CA LEU A 417 13.59 28.81 -16.22
C LEU A 417 13.86 30.27 -16.60
N LEU A 418 15.03 30.52 -17.19
CA LEU A 418 15.40 31.86 -17.62
C LEU A 418 14.51 32.38 -18.74
N ARG A 419 14.03 31.47 -19.57
CA ARG A 419 13.12 31.83 -20.65
C ARG A 419 11.77 32.28 -20.07
N LEU A 420 11.30 31.57 -19.05
CA LEU A 420 10.07 31.94 -18.37
C LEU A 420 10.25 33.28 -17.68
N PHE A 421 11.45 33.48 -17.13
CA PHE A 421 11.81 34.72 -16.46
C PHE A 421 11.78 35.89 -17.43
N ALA A 422 12.34 35.68 -18.62
CA ALA A 422 12.38 36.71 -19.64
C ALA A 422 10.97 37.14 -20.06
N SER A 423 10.09 36.16 -20.26
CA SER A 423 8.71 36.43 -20.65
C SER A 423 7.98 37.22 -19.57
N ALA A 424 8.28 36.90 -18.31
CA ALA A 424 7.68 37.62 -17.20
C ALA A 424 8.16 39.07 -17.19
N CYS A 425 9.44 39.27 -17.52
CA CYS A 425 10.00 40.61 -17.64
C CYS A 425 9.36 41.34 -18.82
N SER A 426 9.11 40.60 -19.90
CA SER A 426 8.49 41.16 -21.09
C SER A 426 7.11 41.74 -20.80
N ASP A 427 6.39 41.11 -19.88
CA ASP A 427 5.04 41.56 -19.53
C ASP A 427 5.06 42.44 -18.29
N GLN A 428 6.24 43.01 -17.98
CA GLN A 428 6.40 43.94 -16.86
C GLN A 428 6.01 43.33 -15.52
N ASN A 429 6.01 42.00 -15.45
CA ASN A 429 5.58 41.29 -14.25
C ASN A 429 6.75 41.01 -13.32
N VAL A 430 7.10 42.00 -12.50
CA VAL A 430 8.25 41.89 -11.61
C VAL A 430 8.06 40.82 -10.53
N GLU A 431 6.86 40.74 -9.99
CA GLU A 431 6.57 39.77 -8.93
C GLU A 431 6.71 38.32 -9.39
N LYS A 432 6.15 38.00 -10.55
CA LYS A 432 6.23 36.66 -11.11
C LYS A 432 7.67 36.31 -11.47
N ALA A 433 8.39 37.30 -11.99
CA ALA A 433 9.77 37.12 -12.38
C ALA A 433 10.65 36.81 -11.16
N LEU A 434 10.42 37.55 -10.07
CA LEU A 434 11.20 37.35 -8.86
C LEU A 434 10.97 35.96 -8.28
N SER A 435 9.74 35.47 -8.39
CA SER A 435 9.41 34.13 -7.91
C SER A 435 10.17 33.07 -8.74
N LEU A 436 10.25 33.32 -10.04
CA LEU A 436 10.96 32.42 -10.94
C LEU A 436 12.45 32.38 -10.62
N ALA A 437 13.00 33.55 -10.29
CA ALA A 437 14.43 33.67 -10.00
C ALA A 437 14.80 32.89 -8.74
N HIS A 438 13.86 32.82 -7.79
CA HIS A 438 14.07 32.06 -6.57
C HIS A 438 14.21 30.57 -6.87
N GLU A 439 13.66 30.14 -8.00
CA GLU A 439 13.67 28.73 -8.35
C GLU A 439 14.93 28.34 -9.12
N LEU A 440 15.80 29.31 -9.38
CA LEU A 440 17.05 29.02 -10.09
C LEU A 440 18.01 28.21 -9.23
N LYS A 441 18.85 27.42 -9.89
CA LYS A 441 19.79 26.56 -9.20
C LYS A 441 21.19 27.18 -9.17
N GLN A 442 21.76 27.42 -10.35
CA GLN A 442 23.10 27.94 -10.45
C GLN A 442 23.16 29.41 -10.05
N ASP A 443 24.24 29.78 -9.37
CA ASP A 443 24.48 31.17 -9.03
C ASP A 443 24.79 31.94 -10.30
N ARG A 444 25.35 31.23 -11.28
CA ARG A 444 25.64 31.80 -12.59
C ARG A 444 24.36 32.09 -13.35
N ALA A 445 23.29 31.40 -12.98
CA ALA A 445 21.98 31.61 -13.59
C ALA A 445 21.32 32.84 -13.00
N LEU A 446 21.50 33.04 -11.70
CA LEU A 446 21.05 34.26 -11.03
C LEU A 446 21.72 35.48 -11.65
N THR A 447 23.01 35.34 -11.97
CA THR A 447 23.74 36.39 -12.65
C THR A 447 23.15 36.68 -14.02
N ALA A 448 22.83 35.62 -14.76
CA ALA A 448 22.20 35.73 -16.06
C ALA A 448 20.84 36.41 -15.95
N ALA A 449 20.13 36.12 -14.86
CA ALA A 449 18.83 36.70 -14.61
C ALA A 449 18.96 38.21 -14.39
N VAL A 450 20.02 38.60 -13.70
CA VAL A 450 20.31 40.02 -13.47
C VAL A 450 20.52 40.75 -14.80
N LYS A 451 21.29 40.14 -15.70
CA LYS A 451 21.53 40.72 -17.01
C LYS A 451 20.24 40.89 -17.80
N ILE A 452 19.33 39.93 -17.66
CA ILE A 452 18.04 40.00 -18.34
C ILE A 452 17.17 41.12 -17.74
N SER A 453 17.23 41.26 -16.42
CA SER A 453 16.50 42.32 -15.72
C SER A 453 17.00 43.70 -16.16
N GLU A 454 18.31 43.82 -16.31
CA GLU A 454 18.91 45.07 -16.76
C GLU A 454 18.47 45.42 -18.17
N ARG A 455 18.45 44.42 -19.05
CA ARG A 455 18.04 44.61 -20.44
C ARG A 455 16.55 44.93 -20.52
N ALA A 456 15.79 44.49 -19.52
CA ALA A 456 14.35 44.76 -19.46
C ALA A 456 14.07 46.09 -18.76
N GLU A 457 15.15 46.73 -18.29
CA GLU A 457 15.06 48.02 -17.62
C GLU A 457 14.17 47.96 -16.39
N LEU A 458 14.45 47.00 -15.52
CA LEU A 458 13.71 46.85 -14.27
C LEU A 458 14.68 46.86 -13.09
N PRO A 459 15.11 48.05 -12.68
CA PRO A 459 16.12 48.24 -11.62
C PRO A 459 15.67 47.70 -10.27
N SER A 460 14.36 47.73 -10.01
CA SER A 460 13.83 47.22 -8.76
C SER A 460 14.02 45.70 -8.67
N LEU A 461 13.87 45.03 -9.82
CA LEU A 461 14.06 43.60 -9.90
C LEU A 461 15.53 43.21 -9.71
N VAL A 462 16.42 44.02 -10.28
CA VAL A 462 17.84 43.77 -10.20
C VAL A 462 18.34 43.73 -8.75
N LYS A 463 17.93 44.70 -7.96
CA LYS A 463 18.31 44.77 -6.56
C LYS A 463 17.80 43.56 -5.76
N LYS A 464 16.56 43.16 -6.04
CA LYS A 464 15.96 42.05 -5.31
C LYS A 464 16.63 40.72 -5.64
N ILE A 465 17.04 40.56 -6.90
CA ILE A 465 17.77 39.37 -7.31
C ILE A 465 19.20 39.41 -6.76
N ASN A 466 19.79 40.60 -6.74
CA ASN A 466 21.12 40.76 -6.15
C ASN A 466 21.11 40.42 -4.66
N ASN A 467 19.98 40.65 -4.01
CA ASN A 467 19.81 40.26 -2.62
C ASN A 467 19.83 38.74 -2.48
N ILE A 468 19.19 38.06 -3.42
CA ILE A 468 19.22 36.61 -3.46
C ILE A 468 20.64 36.08 -3.61
N ARG A 469 21.40 36.70 -4.51
CA ARG A 469 22.79 36.35 -4.73
C ARG A 469 23.62 36.52 -3.45
N GLU A 470 23.43 37.65 -2.78
CA GLU A 470 24.14 37.93 -1.54
C GLU A 470 23.71 36.98 -0.43
N ALA A 471 22.43 36.65 -0.40
CA ALA A 471 21.89 35.74 0.61
C ALA A 471 22.50 34.35 0.46
N ARG A 472 22.78 33.96 -0.77
CA ARG A 472 23.40 32.66 -1.05
C ARG A 472 24.89 32.72 -0.75
N TYR A 473 25.52 33.85 -1.07
CA TYR A 473 26.92 34.08 -0.75
C TYR A 473 27.13 34.07 0.77
N GLU A 474 26.09 34.50 1.49
CA GLU A 474 26.11 34.52 2.95
C GLU A 474 26.25 33.12 3.51
N GLN A 475 25.48 32.18 2.98
CA GLN A 475 25.55 30.79 3.40
C GLN A 475 26.91 30.18 3.05
N GLN A 476 27.56 30.74 2.02
CA GLN A 476 28.86 30.26 1.58
C GLN A 476 29.96 30.65 2.57
N LEU A 477 29.68 31.65 3.41
CA LEU A 477 30.66 32.12 4.39
C LEU A 477 30.49 31.39 5.72
N LYS A 478 29.64 30.38 5.73
CA LYS A 478 29.40 29.59 6.94
C LYS A 478 29.89 28.16 6.77
N PHE B 25 -21.45 -5.71 8.39
CA PHE B 25 -20.75 -6.82 9.02
C PHE B 25 -21.03 -6.90 10.51
N ARG B 26 -21.34 -8.10 10.99
CA ARG B 26 -21.67 -8.33 12.40
C ARG B 26 -20.47 -8.85 13.18
N TYR B 27 -20.03 -8.10 14.18
CA TYR B 27 -18.93 -8.53 15.04
C TYR B 27 -19.41 -9.61 16.01
N MET B 28 -18.78 -10.78 15.94
CA MET B 28 -19.13 -11.90 16.80
C MET B 28 -18.11 -12.07 17.92
N PRO B 29 -18.57 -12.49 19.12
CA PRO B 29 -17.66 -12.72 20.25
C PRO B 29 -16.63 -13.80 19.94
N PHE B 30 -15.35 -13.45 20.02
CA PHE B 30 -14.28 -14.37 19.66
C PHE B 30 -13.50 -14.86 20.87
N SER B 31 -13.12 -16.14 20.83
CA SER B 31 -12.24 -16.73 21.83
C SER B 31 -11.38 -17.79 21.15
N PRO B 32 -10.11 -17.90 21.54
CA PRO B 32 -9.17 -18.81 20.89
C PRO B 32 -9.65 -20.26 20.89
N ALA B 33 -9.75 -20.83 19.69
CA ALA B 33 -10.14 -22.22 19.49
C ALA B 33 -11.54 -22.51 20.02
N GLY B 34 -12.38 -21.48 20.08
CA GLY B 34 -13.76 -21.65 20.49
C GLY B 34 -14.60 -22.34 19.43
N THR B 35 -15.59 -23.10 19.87
CA THR B 35 -16.49 -23.81 18.97
C THR B 35 -17.91 -23.32 19.13
N PRO B 36 -18.73 -23.43 18.08
CA PRO B 36 -20.15 -23.06 18.19
C PRO B 36 -20.98 -24.17 18.82
N PHE B 37 -22.16 -23.83 19.32
CA PHE B 37 -23.08 -24.84 19.83
C PHE B 37 -23.44 -25.78 18.69
N GLY B 38 -23.64 -25.20 17.52
CA GLY B 38 -24.08 -25.94 16.36
C GLY B 38 -25.49 -26.46 16.58
N PHE B 39 -25.66 -27.77 16.44
CA PHE B 39 -26.96 -28.38 16.62
C PHE B 39 -27.06 -29.10 17.96
N THR B 40 -26.14 -28.79 18.87
CA THR B 40 -26.11 -29.39 20.20
C THR B 40 -26.38 -28.33 21.27
N ASP B 41 -26.30 -28.73 22.53
CA ASP B 41 -26.55 -27.80 23.65
C ASP B 41 -25.27 -27.46 24.42
N ARG B 42 -24.12 -27.83 23.86
CA ARG B 42 -22.85 -27.53 24.49
C ARG B 42 -21.78 -27.16 23.48
N ARG B 43 -20.77 -26.43 23.94
CA ARG B 43 -19.67 -26.00 23.09
C ARG B 43 -18.45 -25.66 23.94
N TYR B 44 -17.31 -25.45 23.28
CA TYR B 44 -16.11 -25.00 23.97
C TYR B 44 -15.98 -23.48 23.87
N LEU B 45 -15.80 -22.83 25.01
CA LEU B 45 -15.60 -21.38 25.04
C LEU B 45 -14.22 -21.03 24.51
N THR B 46 -13.21 -21.74 24.99
CA THR B 46 -11.84 -21.52 24.54
C THR B 46 -11.02 -22.79 24.77
N MET B 47 -9.78 -22.78 24.30
CA MET B 47 -8.99 -24.01 24.24
C MET B 47 -7.54 -23.71 23.88
N ASN B 48 -6.60 -24.25 24.66
CA ASN B 48 -5.18 -24.10 24.35
C ASN B 48 -4.32 -25.19 24.98
N GLU B 49 -3.04 -24.89 25.18
CA GLU B 49 -2.10 -25.86 25.71
C GLU B 49 -2.35 -26.14 27.20
N VAL B 50 -2.95 -25.18 27.89
CA VAL B 50 -3.22 -25.31 29.31
C VAL B 50 -4.39 -26.25 29.58
N GLY B 51 -5.46 -26.07 28.81
CA GLY B 51 -6.65 -26.88 28.97
C GLY B 51 -7.79 -26.40 28.08
N TYR B 52 -9.02 -26.73 28.47
CA TYR B 52 -10.19 -26.31 27.71
C TYR B 52 -11.34 -25.92 28.61
N VAL B 53 -12.18 -25.01 28.12
CA VAL B 53 -13.32 -24.52 28.88
C VAL B 53 -14.60 -24.71 28.08
N SER B 54 -15.55 -25.44 28.65
CA SER B 54 -16.80 -25.74 27.97
C SER B 54 -17.99 -25.19 28.74
N THR B 55 -19.11 -25.00 28.03
CA THR B 55 -20.34 -24.54 28.65
C THR B 55 -21.52 -25.36 28.13
N VAL B 56 -22.44 -25.69 29.04
CA VAL B 56 -23.63 -26.46 28.69
C VAL B 56 -24.89 -25.71 29.07
N LYS B 57 -25.87 -25.70 28.18
CA LYS B 57 -27.16 -25.09 28.48
C LYS B 57 -27.86 -25.86 29.60
N ASN B 58 -28.12 -25.16 30.70
CA ASN B 58 -28.76 -25.76 31.86
C ASN B 58 -30.15 -25.16 32.07
N SER B 59 -31.10 -25.61 31.26
CA SER B 59 -32.45 -25.04 31.23
C SER B 59 -32.39 -23.54 30.91
N GLU B 60 -32.45 -22.71 31.93
CA GLU B 60 -32.44 -21.26 31.74
C GLU B 60 -31.10 -20.63 32.14
N GLN B 61 -30.17 -21.47 32.61
CA GLN B 61 -28.83 -21.00 32.95
C GLN B 61 -27.77 -21.83 32.25
N TYR B 62 -26.52 -21.72 32.70
CA TYR B 62 -25.42 -22.43 32.05
C TYR B 62 -24.49 -23.11 33.04
N SER B 63 -23.89 -24.22 32.62
CA SER B 63 -22.88 -24.90 33.41
C SER B 63 -21.52 -24.82 32.75
N ILE B 64 -20.60 -24.07 33.37
CA ILE B 64 -19.26 -23.89 32.82
C ILE B 64 -18.26 -24.82 33.49
N THR B 65 -17.51 -25.56 32.67
CA THR B 65 -16.49 -26.46 33.18
C THR B 65 -15.09 -26.05 32.70
N VAL B 66 -14.15 -25.97 33.63
CA VAL B 66 -12.76 -25.64 33.30
C VAL B 66 -11.87 -26.86 33.51
N SER B 67 -11.38 -27.44 32.42
CA SER B 67 -10.56 -28.64 32.48
C SER B 67 -9.12 -28.38 32.06
N PHE B 68 -8.21 -29.27 32.48
CA PHE B 68 -6.80 -29.11 32.21
C PHE B 68 -6.17 -30.37 31.61
N PHE B 69 -5.10 -30.19 30.86
CA PHE B 69 -4.39 -31.31 30.24
C PHE B 69 -3.36 -31.88 31.22
N ASP B 70 -2.85 -31.02 32.09
CA ASP B 70 -1.96 -31.47 33.17
C ASP B 70 -2.80 -31.69 34.43
N VAL B 71 -3.40 -32.87 34.54
CA VAL B 71 -4.29 -33.18 35.65
C VAL B 71 -3.53 -33.18 36.99
N GLY B 72 -2.21 -33.41 36.90
CA GLY B 72 -1.37 -33.41 38.08
C GLY B 72 -1.25 -32.02 38.71
N ARG B 73 -1.05 -31.02 37.87
CA ARG B 73 -0.94 -29.64 38.36
C ARG B 73 -2.28 -29.09 38.83
N PHE B 74 -3.25 -29.05 37.93
CA PHE B 74 -4.52 -28.39 38.22
C PHE B 74 -5.68 -29.36 38.40
N ARG B 75 -6.69 -28.92 39.14
CA ARG B 75 -7.88 -29.72 39.38
C ARG B 75 -9.07 -29.15 38.62
N GLU B 76 -9.67 -29.99 37.77
CA GLU B 76 -10.86 -29.60 37.02
C GLU B 76 -11.99 -29.16 37.95
N TYR B 77 -12.61 -28.03 37.63
CA TYR B 77 -13.74 -27.54 38.40
C TYR B 77 -14.85 -27.05 37.49
N HIS B 78 -16.01 -26.78 38.07
CA HIS B 78 -17.15 -26.27 37.32
C HIS B 78 -18.01 -25.36 38.19
N PHE B 79 -18.83 -24.52 37.54
CA PHE B 79 -19.71 -23.63 38.26
C PHE B 79 -20.90 -23.24 37.40
N GLU B 80 -21.88 -22.60 38.02
CA GLU B 80 -23.11 -22.23 37.32
C GLU B 80 -23.03 -20.81 36.82
N ASP B 81 -23.33 -20.63 35.55
CA ASP B 81 -23.27 -19.32 34.91
C ASP B 81 -24.66 -18.73 34.75
N LEU B 82 -24.97 -17.74 35.58
CA LEU B 82 -26.26 -17.08 35.54
C LEU B 82 -26.21 -15.85 34.63
N PHE B 83 -25.12 -15.71 33.89
CA PHE B 83 -24.94 -14.51 33.08
C PHE B 83 -24.91 -14.80 31.58
N GLY B 84 -24.42 -15.98 31.22
CA GLY B 84 -24.34 -16.35 29.82
C GLY B 84 -23.03 -15.92 29.19
N TYR B 85 -21.93 -16.28 29.84
CA TYR B 85 -20.60 -15.96 29.32
C TYR B 85 -20.38 -16.59 27.95
N ASP B 86 -20.08 -15.76 26.96
CA ASP B 86 -19.82 -16.22 25.60
C ASP B 86 -18.38 -15.90 25.19
N LEU B 87 -17.62 -15.33 26.11
CA LEU B 87 -16.22 -14.98 25.88
C LEU B 87 -15.33 -15.61 26.96
N CYS B 88 -14.16 -16.10 26.55
CA CYS B 88 -13.25 -16.71 27.51
C CYS B 88 -11.79 -16.67 27.06
N PHE B 89 -10.89 -16.64 28.03
CA PHE B 89 -9.47 -16.80 27.77
C PHE B 89 -8.82 -17.53 28.96
N LEU B 90 -8.01 -18.54 28.65
CA LEU B 90 -7.41 -19.37 29.69
C LEU B 90 -5.88 -19.24 29.72
N ASN B 91 -5.33 -18.96 30.90
CA ASN B 91 -3.88 -19.01 31.09
C ASN B 91 -3.52 -19.90 32.27
N GLU B 92 -2.25 -19.93 32.62
CA GLU B 92 -1.76 -20.86 33.65
C GLU B 92 -2.10 -20.48 35.07
N LYS B 93 -2.51 -19.22 35.28
CA LYS B 93 -2.80 -18.75 36.64
C LYS B 93 -4.29 -18.52 36.89
N GLY B 94 -5.05 -18.30 35.84
CA GLY B 94 -6.47 -18.02 35.99
C GLY B 94 -7.26 -18.13 34.71
N THR B 95 -8.58 -17.93 34.82
CA THR B 95 -9.47 -17.94 33.68
C THR B 95 -10.30 -16.66 33.63
N LEU B 96 -10.38 -16.06 32.45
CA LEU B 96 -11.15 -14.84 32.27
C LEU B 96 -12.44 -15.16 31.52
N PHE B 97 -13.55 -14.65 32.02
CA PHE B 97 -14.85 -14.87 31.39
C PHE B 97 -15.47 -13.54 31.00
N GLY B 98 -16.22 -13.55 29.90
CA GLY B 98 -16.83 -12.33 29.41
C GLY B 98 -18.22 -12.50 28.85
N GLN B 99 -19.05 -11.49 29.04
CA GLN B 99 -20.38 -11.45 28.48
C GLN B 99 -20.43 -10.32 27.47
N SER B 100 -20.61 -10.68 26.20
CA SER B 100 -20.43 -9.75 25.09
C SER B 100 -21.44 -8.61 25.06
N LYS B 101 -22.62 -8.84 25.64
CA LYS B 101 -23.71 -7.88 25.55
C LYS B 101 -23.83 -6.96 26.77
N THR B 102 -23.73 -7.54 27.97
CA THR B 102 -23.86 -6.73 29.18
C THR B 102 -22.52 -6.10 29.55
N GLY B 103 -21.44 -6.65 29.02
CA GLY B 103 -20.12 -6.11 29.26
C GLY B 103 -19.53 -6.54 30.58
N GLN B 104 -20.07 -7.63 31.13
CA GLN B 104 -19.59 -8.14 32.40
C GLN B 104 -18.45 -9.11 32.21
N ILE B 105 -17.35 -8.86 32.90
CA ILE B 105 -16.21 -9.77 32.87
C ILE B 105 -15.94 -10.27 34.28
N GLN B 106 -15.26 -11.42 34.37
CA GLN B 106 -14.87 -11.97 35.65
C GLN B 106 -13.55 -12.72 35.49
N TYR B 107 -12.63 -12.48 36.41
CA TYR B 107 -11.36 -13.20 36.40
C TYR B 107 -11.31 -14.14 37.59
N ARG B 108 -11.02 -15.40 37.30
CA ARG B 108 -11.00 -16.43 38.34
C ARG B 108 -9.62 -17.10 38.42
N PRO B 109 -8.79 -16.67 39.38
CA PRO B 109 -7.50 -17.33 39.61
C PRO B 109 -7.69 -18.81 39.93
N HIS B 110 -6.82 -19.67 39.41
CA HIS B 110 -6.92 -21.10 39.67
C HIS B 110 -6.66 -21.37 41.14
N ASP B 111 -5.62 -20.74 41.67
CA ASP B 111 -5.22 -20.91 43.06
C ASP B 111 -6.03 -19.99 43.97
N SER B 112 -6.24 -20.42 45.21
CA SER B 112 -7.07 -19.70 46.16
C SER B 112 -6.39 -18.47 46.76
N ILE B 113 -5.10 -18.28 46.49
CA ILE B 113 -4.35 -17.15 47.04
C ILE B 113 -5.05 -15.83 46.76
N HIS B 114 -5.37 -15.58 45.49
CA HIS B 114 -6.08 -14.36 45.11
C HIS B 114 -7.55 -14.65 44.85
N SER B 115 -8.38 -13.65 45.12
CA SER B 115 -9.83 -13.79 45.01
C SER B 115 -10.27 -13.56 43.56
N ASN B 116 -11.45 -14.09 43.23
CA ASN B 116 -12.08 -13.76 41.96
C ASN B 116 -12.50 -12.30 41.99
N TRP B 117 -12.54 -11.65 40.84
CA TRP B 117 -13.11 -10.31 40.77
C TRP B 117 -13.95 -10.14 39.51
N THR B 118 -14.94 -9.26 39.63
CA THR B 118 -15.91 -9.04 38.58
C THR B 118 -15.91 -7.56 38.23
N LYS B 119 -16.13 -7.25 36.96
CA LYS B 119 -16.14 -5.87 36.52
C LYS B 119 -17.22 -5.70 35.45
N ILE B 120 -17.74 -4.48 35.32
CA ILE B 120 -18.67 -4.18 34.24
C ILE B 120 -18.08 -3.15 33.31
N ILE B 121 -17.81 -3.60 32.08
CA ILE B 121 -17.23 -2.75 31.05
C ILE B 121 -18.30 -1.84 30.45
N PRO B 122 -18.02 -0.52 30.42
CA PRO B 122 -18.94 0.42 29.80
C PRO B 122 -19.15 0.12 28.31
N LEU B 123 -20.41 0.05 27.89
CA LEU B 123 -20.74 -0.22 26.50
C LEU B 123 -21.78 0.76 25.96
N GLN B 124 -21.45 1.40 24.84
CA GLN B 124 -22.40 2.27 24.17
C GLN B 124 -23.49 1.44 23.51
N ALA B 125 -24.44 2.12 22.88
CA ALA B 125 -25.53 1.44 22.18
C ALA B 125 -24.98 0.64 21.00
N GLY B 126 -25.21 -0.66 21.00
CA GLY B 126 -24.76 -1.53 19.93
C GLY B 126 -23.33 -1.99 20.08
N GLU B 127 -22.61 -1.42 21.05
CA GLU B 127 -21.23 -1.80 21.30
C GLU B 127 -21.18 -3.14 22.04
N ARG B 128 -20.38 -4.07 21.52
CA ARG B 128 -20.24 -5.39 22.14
C ARG B 128 -18.78 -5.67 22.47
N ILE B 129 -18.54 -6.47 23.50
CA ILE B 129 -17.19 -6.98 23.71
C ILE B 129 -16.94 -8.09 22.70
N THR B 130 -15.87 -7.93 21.92
CA THR B 130 -15.60 -8.85 20.82
C THR B 130 -14.54 -9.89 21.17
N SER B 131 -13.68 -9.57 22.12
CA SER B 131 -12.60 -10.47 22.51
C SER B 131 -12.01 -10.09 23.86
N VAL B 132 -11.67 -11.10 24.66
CA VAL B 132 -10.98 -10.86 25.92
C VAL B 132 -9.70 -11.70 25.98
N ALA B 133 -8.72 -11.24 26.75
CA ALA B 133 -7.48 -11.98 26.91
C ALA B 133 -6.90 -11.75 28.30
N ALA B 134 -6.16 -12.73 28.79
CA ALA B 134 -5.55 -12.62 30.10
C ALA B 134 -4.23 -13.38 30.19
N THR B 135 -3.24 -12.74 30.79
CA THR B 135 -2.01 -13.41 31.19
C THR B 135 -2.01 -13.45 32.71
N PRO B 136 -1.03 -14.11 33.32
CA PRO B 136 -0.93 -14.02 34.78
C PRO B 136 -0.80 -12.59 35.31
N VAL B 137 -0.43 -11.63 34.47
CA VAL B 137 -0.18 -10.27 34.94
C VAL B 137 -1.02 -9.19 34.26
N ARG B 138 -1.73 -9.55 33.20
CA ARG B 138 -2.52 -8.57 32.45
C ARG B 138 -3.90 -9.11 32.05
N VAL B 139 -4.90 -8.23 32.08
CA VAL B 139 -6.23 -8.56 31.58
C VAL B 139 -6.63 -7.54 30.51
N ILE B 140 -7.03 -8.03 29.34
CA ILE B 140 -7.36 -7.15 28.22
C ILE B 140 -8.77 -7.38 27.70
N VAL B 141 -9.48 -6.28 27.42
CA VAL B 141 -10.81 -6.35 26.85
C VAL B 141 -10.93 -5.47 25.61
N GLY B 142 -11.38 -6.05 24.50
CA GLY B 142 -11.58 -5.31 23.27
C GLY B 142 -13.04 -5.27 22.86
N THR B 143 -13.45 -4.16 22.25
CA THR B 143 -14.85 -3.99 21.86
C THR B 143 -15.00 -3.77 20.36
N SER B 144 -16.25 -3.76 19.90
CA SER B 144 -16.56 -3.62 18.48
C SER B 144 -16.38 -2.18 17.99
N LEU B 145 -16.22 -1.26 18.92
CA LEU B 145 -15.98 0.14 18.58
C LEU B 145 -14.48 0.46 18.61
N GLY B 146 -13.68 -0.54 18.96
CA GLY B 146 -12.24 -0.38 18.99
C GLY B 146 -11.71 0.12 20.31
N TYR B 147 -12.48 -0.05 21.38
CA TYR B 147 -12.02 0.33 22.69
C TYR B 147 -11.12 -0.76 23.27
N PHE B 148 -9.95 -0.34 23.74
CA PHE B 148 -8.94 -1.26 24.25
C PHE B 148 -8.73 -1.00 25.73
N ARG B 149 -9.33 -1.85 26.57
CA ARG B 149 -9.25 -1.66 28.01
C ARG B 149 -8.39 -2.73 28.66
N SER B 150 -7.37 -2.31 29.38
CA SER B 150 -6.45 -3.24 30.04
C SER B 150 -6.40 -3.04 31.54
N PHE B 151 -6.08 -4.11 32.25
CA PHE B 151 -6.02 -4.10 33.71
C PHE B 151 -4.84 -4.96 34.16
N ASN B 152 -4.45 -4.87 35.42
CA ASN B 152 -3.51 -5.85 35.96
C ASN B 152 -4.29 -7.04 36.52
N GLN B 153 -3.58 -8.01 37.10
CA GLN B 153 -4.20 -9.24 37.56
C GLN B 153 -5.22 -9.01 38.68
N PHE B 154 -5.20 -7.83 39.29
CA PHE B 154 -6.09 -7.53 40.41
C PHE B 154 -7.25 -6.61 40.01
N GLY B 155 -7.26 -6.15 38.77
CA GLY B 155 -8.34 -5.32 38.27
C GLY B 155 -8.06 -3.83 38.28
N VAL B 156 -6.80 -3.47 38.55
CA VAL B 156 -6.40 -2.07 38.50
C VAL B 156 -6.21 -1.64 37.05
N PRO B 157 -7.05 -0.71 36.58
CA PRO B 157 -7.14 -0.26 35.19
C PRO B 157 -5.97 0.56 34.67
N PHE B 158 -5.67 0.38 33.38
CA PHE B 158 -4.70 1.21 32.68
C PHE B 158 -5.50 2.26 31.93
N ALA B 159 -4.81 3.16 31.24
CA ALA B 159 -5.49 4.14 30.40
C ALA B 159 -6.35 3.42 29.36
N VAL B 160 -7.47 4.03 29.01
CA VAL B 160 -8.36 3.48 28.00
C VAL B 160 -7.96 4.01 26.63
N GLU B 161 -7.84 3.10 25.65
CA GLU B 161 -7.39 3.49 24.33
C GLU B 161 -8.44 3.23 23.25
N LYS B 162 -8.48 4.11 22.25
CA LYS B 162 -9.34 3.95 21.09
C LYS B 162 -8.53 3.50 19.88
N THR B 163 -8.90 2.36 19.32
CA THR B 163 -8.26 1.85 18.10
C THR B 163 -9.31 1.45 17.09
N SER B 164 -8.89 0.74 16.05
CA SER B 164 -9.84 0.17 15.09
C SER B 164 -10.63 -0.93 15.79
N PRO B 165 -11.86 -1.19 15.31
CA PRO B 165 -12.68 -2.27 15.87
C PRO B 165 -11.88 -3.56 16.02
N ILE B 166 -11.94 -4.13 17.21
CA ILE B 166 -11.16 -5.32 17.54
C ILE B 166 -12.00 -6.57 17.29
N VAL B 167 -11.42 -7.58 16.67
CA VAL B 167 -12.13 -8.84 16.42
C VAL B 167 -11.47 -10.01 17.15
N ALA B 168 -10.19 -9.88 17.47
CA ALA B 168 -9.48 -10.97 18.14
C ALA B 168 -8.30 -10.46 18.96
N LEU B 169 -8.15 -11.03 20.15
CA LEU B 169 -7.06 -10.68 21.06
C LEU B 169 -6.36 -11.92 21.56
N THR B 170 -5.06 -11.82 21.76
CA THR B 170 -4.34 -12.81 22.54
C THR B 170 -3.19 -12.12 23.24
N ALA B 171 -2.66 -12.75 24.27
CA ALA B 171 -1.62 -12.13 25.06
C ALA B 171 -0.67 -13.15 25.68
N GLN B 172 0.52 -12.68 25.99
CA GLN B 172 1.54 -13.51 26.63
C GLN B 172 2.40 -12.60 27.49
N ASN B 173 2.38 -12.86 28.80
CA ASN B 173 3.06 -12.02 29.78
C ASN B 173 2.58 -10.56 29.71
N TYR B 174 3.40 -9.67 29.16
CA TYR B 174 3.02 -8.27 29.10
C TYR B 174 2.71 -7.82 27.67
N ARG B 175 2.77 -8.75 26.73
CA ARG B 175 2.61 -8.41 25.33
C ARG B 175 1.26 -8.84 24.78
N VAL B 176 0.69 -8.01 23.91
CA VAL B 176 -0.64 -8.24 23.37
C VAL B 176 -0.63 -8.25 21.84
N PHE B 177 -1.23 -9.29 21.26
CA PHE B 177 -1.39 -9.38 19.82
C PHE B 177 -2.87 -9.22 19.47
N SER B 178 -3.19 -8.13 18.77
CA SER B 178 -4.58 -7.81 18.47
C SER B 178 -4.87 -7.79 16.98
N VAL B 179 -6.04 -8.27 16.61
CA VAL B 179 -6.50 -8.23 15.22
C VAL B 179 -7.65 -7.23 15.08
N HIS B 180 -7.57 -6.37 14.08
CA HIS B 180 -8.60 -5.35 13.87
C HIS B 180 -9.27 -5.53 12.52
N TYR B 181 -10.51 -5.09 12.40
CA TYR B 181 -11.22 -5.18 11.12
C TYR B 181 -12.13 -3.98 10.89
N SER B 182 -12.02 -3.41 9.70
CA SER B 182 -12.92 -2.35 9.27
C SER B 182 -13.43 -2.65 7.87
N GLN B 183 -14.44 -1.90 7.42
CA GLN B 183 -14.93 -2.02 6.06
C GLN B 183 -14.03 -1.21 5.13
N PHE B 184 -13.01 -0.59 5.71
CA PHE B 184 -12.08 0.27 4.99
C PHE B 184 -10.76 -0.44 4.70
N HIS B 185 -10.11 -0.92 5.75
CA HIS B 185 -8.78 -1.51 5.63
C HIS B 185 -8.79 -3.03 5.43
N GLY B 186 -9.84 -3.66 5.93
CA GLY B 186 -9.89 -5.11 5.99
C GLY B 186 -9.32 -5.59 7.32
N LEU B 187 -8.44 -6.60 7.27
CA LEU B 187 -7.81 -7.08 8.49
C LEU B 187 -6.46 -6.42 8.73
N SER B 188 -6.25 -5.95 9.95
CA SER B 188 -4.95 -5.44 10.36
C SER B 188 -4.59 -6.05 11.71
N TYR B 189 -3.35 -5.85 12.14
CA TYR B 189 -2.95 -6.35 13.45
C TYR B 189 -2.06 -5.36 14.18
N SER B 190 -2.09 -5.40 15.50
CA SER B 190 -1.17 -4.61 16.31
C SER B 190 -0.41 -5.52 17.26
N LEU B 191 0.83 -5.15 17.55
CA LEU B 191 1.64 -5.89 18.50
C LEU B 191 2.20 -4.90 19.51
N SER B 192 1.80 -5.07 20.78
CA SER B 192 2.14 -4.10 21.80
C SER B 192 2.60 -4.71 23.12
N GLU B 193 3.18 -3.85 23.97
CA GLU B 193 3.58 -4.25 25.32
C GLU B 193 2.91 -3.33 26.33
N LEU B 194 2.28 -3.93 27.34
CA LEU B 194 1.61 -3.20 28.40
C LEU B 194 2.53 -2.99 29.60
N GLY B 195 3.37 -1.96 29.52
CA GLY B 195 4.30 -1.63 30.58
C GLY B 195 3.63 -1.17 31.86
N THR B 196 4.44 -0.78 32.84
CA THR B 196 3.93 -0.35 34.14
C THR B 196 3.04 0.87 34.03
N SER B 197 3.43 1.80 33.16
CA SER B 197 2.76 3.08 33.05
C SER B 197 1.81 3.14 31.85
N SER B 198 2.29 2.65 30.70
CA SER B 198 1.53 2.81 29.46
C SER B 198 1.81 1.72 28.41
N LYS B 199 1.04 1.78 27.33
CA LYS B 199 1.13 0.84 26.22
C LYS B 199 2.10 1.29 25.12
N ARG B 200 3.05 0.42 24.79
CA ARG B 200 4.02 0.70 23.73
C ARG B 200 3.77 -0.21 22.52
N TYR B 201 3.80 0.36 21.32
CA TYR B 201 3.57 -0.42 20.10
C TYR B 201 4.86 -0.89 19.42
N TYR B 202 4.96 -2.20 19.20
CA TYR B 202 5.99 -2.74 18.31
C TYR B 202 5.54 -2.57 16.87
N LYS B 203 4.27 -2.87 16.63
CA LYS B 203 3.65 -2.75 15.32
C LYS B 203 2.23 -2.20 15.50
N ARG B 204 1.85 -1.21 14.70
CA ARG B 204 0.55 -0.59 14.88
C ARG B 204 -0.33 -0.66 13.64
N GLU B 205 -1.30 -1.58 13.67
CA GLU B 205 -2.26 -1.76 12.59
C GLU B 205 -1.62 -1.98 11.23
N CYS B 206 -0.72 -2.96 11.17
CA CYS B 206 -0.11 -3.40 9.92
C CYS B 206 -1.02 -4.42 9.24
N PRO B 207 -0.88 -4.58 7.92
CA PRO B 207 -1.72 -5.52 7.18
C PRO B 207 -1.63 -6.96 7.69
N LEU B 208 -2.77 -7.61 7.86
CA LEU B 208 -2.81 -9.01 8.26
C LEU B 208 -3.26 -9.88 7.09
N PRO B 209 -2.29 -10.53 6.43
CA PRO B 209 -2.51 -11.30 5.19
C PRO B 209 -3.09 -12.68 5.42
N MET B 210 -4.03 -12.80 6.34
CA MET B 210 -4.71 -14.07 6.55
C MET B 210 -5.83 -14.22 5.54
N SER B 211 -5.88 -15.37 4.87
CA SER B 211 -6.94 -15.64 3.91
C SER B 211 -8.29 -15.71 4.59
N LEU B 212 -9.28 -15.02 4.03
CA LEU B 212 -10.63 -15.04 4.55
C LEU B 212 -11.39 -16.24 3.98
N PRO B 213 -12.46 -16.67 4.67
CA PRO B 213 -13.26 -17.80 4.16
C PRO B 213 -14.03 -17.47 2.89
N ASN B 214 -14.00 -18.37 1.92
CA ASN B 214 -14.79 -18.21 0.70
C ASN B 214 -16.07 -19.03 0.75
N ILE B 215 -17.11 -18.43 1.34
CA ILE B 215 -18.40 -19.11 1.53
C ILE B 215 -19.26 -19.05 0.28
N ASN B 216 -19.79 -20.21 -0.13
CA ASN B 216 -20.60 -20.31 -1.34
C ASN B 216 -22.10 -20.37 -1.06
N SER B 217 -22.89 -20.66 -2.09
CA SER B 217 -24.33 -20.78 -1.95
C SER B 217 -24.72 -22.21 -1.61
N ASP B 218 -23.84 -23.16 -1.93
CA ASP B 218 -24.04 -24.55 -1.55
C ASP B 218 -23.67 -24.73 -0.08
N MET B 219 -23.00 -23.71 0.48
CA MET B 219 -22.61 -23.72 1.88
C MET B 219 -23.79 -23.43 2.79
N LYS B 220 -24.91 -23.01 2.22
CA LYS B 220 -26.09 -22.66 3.00
C LYS B 220 -26.77 -23.90 3.58
N LYS B 221 -26.43 -25.07 3.03
CA LYS B 221 -26.93 -26.33 3.56
C LYS B 221 -25.76 -27.23 4.00
N ASP B 222 -24.56 -26.67 3.93
CA ASP B 222 -23.35 -27.35 4.40
C ASP B 222 -23.41 -27.61 5.90
N ALA B 223 -22.72 -28.66 6.35
CA ALA B 223 -22.73 -29.06 7.75
C ALA B 223 -21.89 -28.13 8.61
N ASN B 224 -20.95 -27.41 7.99
CA ASN B 224 -20.03 -26.57 8.74
C ASN B 224 -20.33 -25.07 8.62
N LEU B 225 -21.49 -24.72 8.05
CA LEU B 225 -21.87 -23.32 7.90
C LEU B 225 -22.00 -22.63 9.25
N ASP B 226 -22.44 -23.40 10.24
CA ASP B 226 -22.67 -22.91 11.59
C ASP B 226 -21.41 -22.27 12.18
N TYR B 227 -20.24 -22.79 11.80
CA TYR B 227 -18.99 -22.25 12.32
C TYR B 227 -18.72 -20.84 11.79
N TYR B 228 -18.95 -20.62 10.50
CA TYR B 228 -18.62 -19.34 9.90
C TYR B 228 -19.67 -18.27 10.22
N ASN B 229 -20.84 -18.70 10.71
CA ASN B 229 -21.79 -17.76 11.28
C ASN B 229 -21.34 -17.36 12.67
N PHE B 230 -20.67 -18.29 13.33
CA PHE B 230 -20.15 -18.12 14.68
C PHE B 230 -18.81 -17.39 14.65
N ASN B 231 -18.05 -17.62 13.59
CA ASN B 231 -16.73 -17.04 13.42
C ASN B 231 -16.49 -16.66 11.96
N PRO B 232 -17.03 -15.50 11.55
CA PRO B 232 -17.01 -15.02 10.15
C PRO B 232 -15.60 -14.91 9.56
N MET B 233 -14.64 -14.46 10.35
CA MET B 233 -13.28 -14.27 9.87
C MET B 233 -12.58 -15.60 9.66
N GLY B 234 -13.10 -16.65 10.29
CA GLY B 234 -12.54 -17.98 10.14
C GLY B 234 -11.26 -18.17 10.94
N ILE B 235 -11.02 -17.27 11.89
CA ILE B 235 -9.86 -17.39 12.76
C ILE B 235 -10.08 -18.50 13.77
N LYS B 236 -9.59 -19.70 13.46
CA LYS B 236 -9.80 -20.84 14.34
C LYS B 236 -9.10 -20.61 15.67
N SER B 237 -7.85 -20.15 15.62
CA SER B 237 -7.18 -19.69 16.82
C SER B 237 -6.02 -18.75 16.49
N LEU B 238 -5.53 -18.06 17.51
CA LEU B 238 -4.34 -17.25 17.38
C LEU B 238 -3.64 -17.19 18.74
N PHE B 239 -2.32 -17.08 18.74
CA PHE B 239 -1.55 -17.15 19.96
C PHE B 239 -0.10 -16.74 19.76
N PHE B 240 0.59 -16.48 20.86
CA PHE B 240 2.05 -16.40 20.83
C PHE B 240 2.62 -17.81 20.86
N SER B 241 3.72 -18.03 20.16
CA SER B 241 4.46 -19.27 20.29
C SER B 241 5.10 -19.30 21.68
N SER B 242 5.65 -20.44 22.07
CA SER B 242 6.30 -20.55 23.36
C SER B 242 7.52 -19.62 23.45
N TYR B 243 8.12 -19.33 22.30
CA TYR B 243 9.27 -18.42 22.25
C TYR B 243 8.87 -16.96 22.00
N GLY B 244 7.57 -16.70 21.93
CA GLY B 244 7.07 -15.34 21.93
C GLY B 244 6.79 -14.67 20.59
N ASP B 245 6.64 -15.48 19.54
CA ASP B 245 6.30 -14.95 18.22
C ASP B 245 4.83 -15.18 17.90
N PRO B 246 4.14 -14.13 17.43
CA PRO B 246 2.71 -14.17 17.10
C PRO B 246 2.38 -15.20 16.03
N CYS B 247 1.32 -15.96 16.24
CA CYS B 247 0.85 -16.93 15.26
C CYS B 247 -0.65 -16.83 15.05
N ILE B 248 -1.12 -17.20 13.86
CA ILE B 248 -2.54 -17.20 13.59
C ILE B 248 -2.89 -18.36 12.66
N PHE B 249 -4.10 -18.91 12.84
CA PHE B 249 -4.53 -20.12 12.14
C PHE B 249 -5.94 -19.94 11.62
N GLY B 250 -6.06 -19.68 10.32
CA GLY B 250 -7.35 -19.39 9.71
C GLY B 250 -8.01 -20.58 9.05
N SER B 251 -9.04 -20.29 8.25
CA SER B 251 -9.85 -21.33 7.62
C SER B 251 -9.12 -22.06 6.50
N ASP B 252 -8.00 -21.50 6.05
CA ASP B 252 -7.18 -22.19 5.04
C ASP B 252 -6.27 -23.22 5.71
N ASN B 253 -6.42 -23.33 7.03
CA ASN B 253 -5.71 -24.31 7.84
C ASN B 253 -4.19 -24.21 7.69
N THR B 254 -3.71 -22.99 7.50
CA THR B 254 -2.28 -22.73 7.40
C THR B 254 -1.83 -21.91 8.59
N LEU B 255 -0.81 -22.41 9.29
CA LEU B 255 -0.25 -21.68 10.42
C LEU B 255 0.64 -20.55 9.91
N LEU B 256 0.28 -19.32 10.26
CA LEU B 256 1.09 -18.17 9.89
C LEU B 256 1.83 -17.65 11.11
N LEU B 257 3.13 -17.42 10.97
CA LEU B 257 3.94 -16.90 12.06
C LEU B 257 4.53 -15.56 11.65
N LEU B 258 4.46 -14.57 12.54
CA LEU B 258 5.00 -13.25 12.27
C LEU B 258 6.50 -13.18 12.61
N SER B 259 7.31 -12.93 11.59
CA SER B 259 8.76 -12.88 11.75
C SER B 259 9.27 -11.44 11.72
N LYS B 260 10.37 -11.20 12.44
CA LYS B 260 11.05 -9.91 12.44
C LYS B 260 10.16 -8.77 12.90
N TRP B 261 9.32 -9.02 13.90
CA TRP B 261 8.36 -8.02 14.34
C TRP B 261 9.00 -6.91 15.18
N ARG B 262 10.26 -7.08 15.56
CA ARG B 262 10.97 -6.05 16.32
C ARG B 262 11.54 -5.01 15.36
N SER B 263 11.55 -5.34 14.08
CA SER B 263 12.02 -4.43 13.04
C SER B 263 10.91 -4.14 12.05
N PRO B 264 10.19 -3.03 12.25
CA PRO B 264 9.00 -2.63 11.49
C PRO B 264 9.12 -2.80 9.97
N GLU B 265 10.29 -2.52 9.41
CA GLU B 265 10.46 -2.57 7.97
C GLU B 265 10.80 -3.98 7.48
N GLU B 266 11.06 -4.88 8.43
CA GLU B 266 11.47 -6.24 8.09
C GLU B 266 10.41 -7.28 8.43
N SER B 267 9.35 -6.85 9.11
CA SER B 267 8.35 -7.78 9.61
C SER B 267 7.64 -8.47 8.45
N LYS B 268 7.54 -9.79 8.54
CA LYS B 268 6.94 -10.61 7.50
C LYS B 268 6.11 -11.72 8.12
N TRP B 269 4.99 -12.06 7.48
CA TRP B 269 4.21 -13.23 7.90
C TRP B 269 4.69 -14.46 7.13
N LEU B 270 4.99 -15.52 7.86
CA LEU B 270 5.53 -16.74 7.26
C LEU B 270 4.58 -17.92 7.43
N PRO B 271 4.20 -18.55 6.31
CA PRO B 271 3.45 -19.80 6.38
C PRO B 271 4.38 -20.96 6.71
N ILE B 272 4.22 -21.55 7.89
CA ILE B 272 5.17 -22.55 8.36
C ILE B 272 4.54 -23.93 8.53
N LEU B 273 3.25 -24.04 8.23
CA LEU B 273 2.57 -25.33 8.31
C LEU B 273 1.28 -25.35 7.51
N ASP B 274 1.23 -26.22 6.50
CA ASP B 274 0.00 -26.52 5.80
C ASP B 274 -0.58 -27.82 6.36
N SER B 275 -1.53 -27.69 7.28
CA SER B 275 -2.09 -28.86 7.96
C SER B 275 -2.87 -29.75 7.00
N ASN B 276 -3.45 -29.17 5.96
CA ASN B 276 -4.12 -29.95 4.94
C ASN B 276 -3.14 -30.90 4.26
N MET B 277 -1.94 -30.39 4.00
CA MET B 277 -0.89 -31.17 3.36
C MET B 277 -0.38 -32.27 4.28
N GLU B 278 -0.29 -31.98 5.58
CA GLU B 278 0.19 -32.95 6.55
C GLU B 278 -0.81 -34.08 6.75
N ILE B 279 -2.09 -33.75 6.78
CA ILE B 279 -3.13 -34.77 6.87
C ILE B 279 -3.06 -35.69 5.65
N TRP B 280 -2.91 -35.07 4.48
CA TRP B 280 -2.77 -35.80 3.23
C TRP B 280 -1.58 -36.76 3.27
N LYS B 281 -0.48 -36.31 3.86
CA LYS B 281 0.72 -37.13 3.97
C LYS B 281 0.55 -38.23 5.00
N MET B 282 -0.17 -37.93 6.08
CA MET B 282 -0.47 -38.92 7.10
C MET B 282 -1.35 -40.03 6.53
N SER B 283 -2.27 -39.65 5.65
CA SER B 283 -3.22 -40.58 5.07
C SER B 283 -2.64 -41.40 3.92
N GLY B 284 -1.31 -41.41 3.82
CA GLY B 284 -0.63 -42.14 2.77
C GLY B 284 -0.93 -41.59 1.39
N GLY B 285 -1.03 -40.28 1.28
CA GLY B 285 -1.28 -39.63 0.01
C GLY B 285 -2.72 -39.73 -0.46
N LYS B 286 -3.64 -39.89 0.48
CA LYS B 286 -5.06 -40.01 0.14
C LYS B 286 -5.85 -38.77 0.56
N GLU B 287 -6.78 -38.35 -0.29
CA GLU B 287 -7.63 -37.21 0.03
C GLU B 287 -8.71 -37.64 1.03
N THR B 288 -8.85 -36.87 2.10
CA THR B 288 -9.86 -37.16 3.12
C THR B 288 -10.87 -36.02 3.20
N THR B 289 -11.95 -36.25 3.95
CA THR B 289 -12.97 -35.23 4.18
C THR B 289 -13.46 -35.27 5.61
N ASP B 290 -12.83 -36.11 6.43
CA ASP B 290 -13.30 -36.36 7.78
C ASP B 290 -12.23 -36.14 8.84
N ILE B 291 -11.07 -35.63 8.44
CA ILE B 291 -10.01 -35.33 9.39
C ILE B 291 -9.64 -33.85 9.36
N HIS B 292 -9.70 -33.20 10.51
CA HIS B 292 -9.43 -31.78 10.60
C HIS B 292 -8.55 -31.47 11.79
N VAL B 293 -7.87 -30.32 11.71
CA VAL B 293 -6.94 -29.90 12.75
C VAL B 293 -7.51 -28.72 13.51
N TRP B 294 -7.47 -28.79 14.84
CA TRP B 294 -7.89 -27.68 15.69
C TRP B 294 -6.69 -27.20 16.49
N PRO B 295 -6.20 -25.98 16.20
CA PRO B 295 -4.94 -25.47 16.74
C PRO B 295 -5.03 -25.05 18.20
N LEU B 296 -4.11 -25.51 19.03
CA LEU B 296 -4.08 -25.13 20.44
C LEU B 296 -2.92 -24.17 20.73
N ALA B 297 -1.73 -24.54 20.27
CA ALA B 297 -0.53 -23.78 20.58
C ALA B 297 0.63 -24.18 19.68
N LEU B 298 1.66 -23.34 19.66
CA LEU B 298 2.89 -23.68 18.95
C LEU B 298 4.04 -23.72 19.94
N ALA B 299 4.67 -24.88 20.07
CA ALA B 299 5.81 -25.03 20.96
C ALA B 299 7.08 -25.28 20.15
N TYR B 300 7.86 -24.21 19.99
CA TYR B 300 9.10 -24.25 19.23
C TYR B 300 8.85 -24.69 17.78
N ASP B 301 8.84 -26.00 17.53
CA ASP B 301 8.72 -26.51 16.17
C ASP B 301 7.51 -27.43 16.00
N THR B 302 6.69 -27.52 17.04
CA THR B 302 5.58 -28.46 17.04
C THR B 302 4.24 -27.76 17.31
N LEU B 303 3.27 -28.02 16.43
CA LEU B 303 1.91 -27.53 16.64
C LEU B 303 1.11 -28.46 17.53
N ASN B 304 0.74 -27.99 18.71
N ASN B 304 0.75 -27.98 18.72
CA ASN B 304 -0.15 -28.73 19.59
CA ASN B 304 -0.17 -28.70 19.59
C ASN B 304 -1.59 -28.55 19.11
C ASN B 304 -1.59 -28.54 19.08
N CYS B 305 -2.27 -29.65 18.84
CA CYS B 305 -3.62 -29.59 18.27
C CYS B 305 -4.55 -30.73 18.66
N ILE B 306 -5.81 -30.58 18.29
CA ILE B 306 -6.79 -31.66 18.37
C ILE B 306 -7.04 -32.19 16.97
N LEU B 307 -6.93 -33.50 16.79
CA LEU B 307 -7.29 -34.12 15.52
C LEU B 307 -8.76 -34.50 15.51
N VAL B 308 -9.55 -33.73 14.77
CA VAL B 308 -10.99 -33.89 14.76
C VAL B 308 -11.45 -34.88 13.68
N LYS B 309 -12.06 -35.97 14.13
CA LYS B 309 -12.59 -36.98 13.23
C LYS B 309 -14.11 -36.90 13.18
N GLY B 310 -14.67 -36.58 12.02
CA GLY B 310 -16.11 -36.48 11.89
C GLY B 310 -16.57 -35.56 10.78
N LYS B 311 -17.84 -35.18 10.82
CA LYS B 311 -18.44 -34.32 9.82
C LYS B 311 -18.05 -32.87 10.05
N HIS B 312 -18.08 -32.45 11.30
CA HIS B 312 -17.77 -31.07 11.66
C HIS B 312 -16.27 -30.83 11.79
N ILE B 313 -15.84 -29.60 11.49
CA ILE B 313 -14.42 -29.27 11.48
C ILE B 313 -13.95 -28.81 12.84
N TRP B 314 -14.88 -28.66 13.78
CA TRP B 314 -14.53 -28.29 15.14
C TRP B 314 -14.73 -29.50 16.06
N PRO B 315 -13.89 -29.61 17.10
CA PRO B 315 -14.02 -30.75 18.02
C PRO B 315 -15.30 -30.70 18.84
N GLU B 316 -15.73 -31.85 19.35
CA GLU B 316 -16.93 -31.93 20.17
C GLU B 316 -16.67 -32.79 21.41
N PHE B 317 -17.74 -33.31 22.00
CA PHE B 317 -17.64 -34.05 23.24
C PHE B 317 -17.85 -35.55 23.04
N PRO B 318 -17.00 -36.38 23.66
CA PRO B 318 -15.87 -35.92 24.50
C PRO B 318 -14.65 -35.50 23.70
N LEU B 319 -13.82 -34.64 24.29
CA LEU B 319 -12.63 -34.13 23.63
C LEU B 319 -11.54 -35.18 23.53
N PRO B 320 -10.99 -35.38 22.32
CA PRO B 320 -9.86 -36.29 22.09
C PRO B 320 -8.60 -35.86 22.84
N LEU B 321 -7.61 -36.75 22.92
CA LEU B 321 -6.32 -36.39 23.48
C LEU B 321 -5.56 -35.49 22.50
N PRO B 322 -4.85 -34.48 23.03
CA PRO B 322 -4.09 -33.56 22.19
C PRO B 322 -3.05 -34.29 21.34
N SER B 323 -2.88 -33.85 20.10
CA SER B 323 -1.89 -34.45 19.20
C SER B 323 -0.76 -33.46 18.96
N GLU B 324 0.32 -33.95 18.37
CA GLU B 324 1.44 -33.09 18.01
C GLU B 324 1.67 -33.15 16.50
N MET B 325 1.84 -31.99 15.89
CA MET B 325 2.10 -31.91 14.46
C MET B 325 3.28 -31.00 14.20
N GLU B 326 4.41 -31.59 13.79
CA GLU B 326 5.62 -30.82 13.51
C GLU B 326 5.41 -29.90 12.33
N ILE B 327 5.92 -28.67 12.43
CA ILE B 327 5.79 -27.71 11.35
C ILE B 327 6.63 -28.09 10.14
N ARG B 328 6.12 -27.80 8.95
CA ARG B 328 6.82 -28.10 7.71
C ARG B 328 6.61 -26.95 6.74
N MET B 329 7.70 -26.45 6.17
CA MET B 329 7.60 -25.39 5.16
C MET B 329 6.81 -25.92 3.97
N PRO B 330 5.85 -25.13 3.49
CA PRO B 330 4.99 -25.59 2.39
C PRO B 330 5.72 -25.51 1.07
N VAL B 331 6.61 -26.47 0.83
CA VAL B 331 7.38 -26.52 -0.40
C VAL B 331 7.25 -27.89 -1.08
N PHE B 332 6.37 -28.73 -0.54
CA PHE B 332 6.17 -30.07 -1.10
C PHE B 332 4.98 -30.10 -2.05
N VAL B 333 5.16 -30.79 -3.17
CA VAL B 333 4.11 -30.95 -4.16
C VAL B 333 3.58 -32.38 -4.12
N LYS B 334 2.26 -32.53 -4.15
CA LYS B 334 1.64 -33.84 -4.05
C LYS B 334 2.09 -34.81 -5.15
N SER B 335 2.13 -34.32 -6.39
CA SER B 335 2.50 -35.16 -7.53
C SER B 335 3.92 -35.72 -7.40
N LYS B 336 4.85 -34.89 -6.93
CA LYS B 336 6.23 -35.34 -6.77
C LYS B 336 6.39 -36.27 -5.57
N LEU B 337 5.54 -36.08 -4.56
CA LEU B 337 5.59 -36.93 -3.38
C LEU B 337 5.09 -38.34 -3.70
N LEU B 338 4.10 -38.43 -4.58
CA LEU B 338 3.57 -39.72 -5.00
C LEU B 338 4.58 -40.53 -5.80
N GLU B 339 5.28 -39.87 -6.73
CA GLU B 339 6.27 -40.52 -7.58
C GLU B 339 7.37 -41.20 -6.79
N GLU B 340 7.82 -40.54 -5.72
CA GLU B 340 8.92 -41.07 -4.92
C GLU B 340 8.47 -42.20 -4.00
N ASN B 341 7.20 -42.57 -4.11
CA ASN B 341 6.65 -43.69 -3.35
C ASN B 341 6.33 -44.87 -4.27
N GLU B 365 1.96 -44.14 5.54
CA GLU B 365 2.48 -42.77 5.56
C GLU B 365 3.45 -42.52 4.41
N ILE B 366 3.35 -41.32 3.83
CA ILE B 366 4.17 -40.95 2.68
C ILE B 366 5.65 -40.86 3.01
N GLN B 367 6.48 -41.50 2.20
CA GLN B 367 7.93 -41.46 2.37
C GLN B 367 8.55 -40.34 1.54
N ILE B 368 9.44 -39.57 2.17
CA ILE B 368 10.09 -38.45 1.51
C ILE B 368 11.56 -38.76 1.24
N PRO B 369 11.99 -38.65 -0.02
CA PRO B 369 13.41 -38.86 -0.37
C PRO B 369 14.31 -37.84 0.34
N VAL B 370 15.46 -38.32 0.83
CA VAL B 370 16.38 -37.51 1.62
C VAL B 370 16.78 -36.20 0.92
N SER B 371 16.96 -36.26 -0.39
CA SER B 371 17.35 -35.07 -1.16
C SER B 371 16.22 -34.04 -1.19
N MET B 372 14.98 -34.52 -1.30
CA MET B 372 13.82 -33.64 -1.34
C MET B 372 13.51 -33.07 0.04
N ALA B 373 13.72 -33.90 1.06
CA ALA B 373 13.47 -33.51 2.44
C ALA B 373 14.51 -32.50 2.91
N ALA B 374 15.66 -32.49 2.24
CA ALA B 374 16.74 -31.60 2.63
C ALA B 374 16.41 -30.13 2.34
N GLU B 375 15.67 -29.89 1.27
CA GLU B 375 15.29 -28.52 0.91
C GLU B 375 14.39 -27.92 1.97
N GLU B 376 13.37 -28.67 2.38
CA GLU B 376 12.45 -28.21 3.41
C GLU B 376 13.15 -28.03 4.75
N GLU B 377 14.04 -28.97 5.09
CA GLU B 377 14.71 -28.94 6.38
C GLU B 377 15.67 -27.75 6.46
N TYR B 378 16.31 -27.43 5.35
CA TYR B 378 17.18 -26.25 5.28
C TYR B 378 16.35 -24.99 5.53
N LEU B 379 15.24 -24.86 4.80
CA LEU B 379 14.35 -23.73 4.95
C LEU B 379 13.75 -23.61 6.35
N ARG B 380 13.31 -24.73 6.91
CA ARG B 380 12.68 -24.74 8.23
C ARG B 380 13.69 -24.35 9.31
N SER B 381 14.90 -24.88 9.22
CA SER B 381 15.96 -24.54 10.16
C SER B 381 16.35 -23.08 10.03
N LYS B 382 16.38 -22.60 8.78
CA LYS B 382 16.74 -21.21 8.51
C LYS B 382 15.78 -20.25 9.21
N VAL B 383 14.48 -20.53 9.10
CA VAL B 383 13.46 -19.69 9.70
C VAL B 383 13.53 -19.73 11.23
N LEU B 384 13.54 -20.94 11.79
CA LEU B 384 13.57 -21.10 13.25
C LEU B 384 14.84 -20.51 13.86
N SER B 385 15.97 -20.69 13.18
CA SER B 385 17.24 -20.15 13.66
C SER B 385 17.21 -18.63 13.69
N GLU B 386 16.63 -18.05 12.64
CA GLU B 386 16.52 -16.60 12.52
C GLU B 386 15.61 -16.05 13.61
N LEU B 387 14.51 -16.75 13.86
CA LEU B 387 13.54 -16.34 14.87
C LEU B 387 14.13 -16.43 16.27
N LEU B 388 14.79 -17.54 16.55
CA LEU B 388 15.32 -17.80 17.89
C LEU B 388 16.48 -16.87 18.21
N THR B 389 17.30 -16.58 17.20
CA THR B 389 18.41 -15.66 17.36
C THR B 389 17.93 -14.27 17.76
N ASP B 390 16.88 -13.80 17.08
CA ASP B 390 16.30 -12.49 17.40
C ASP B 390 15.75 -12.46 18.82
N THR B 391 15.17 -13.58 19.24
CA THR B 391 14.61 -13.70 20.58
C THR B 391 15.68 -13.58 21.66
N LEU B 392 16.78 -14.31 21.49
CA LEU B 392 17.85 -14.33 22.47
C LEU B 392 18.61 -13.01 22.55
N GLU B 393 18.79 -12.36 21.40
CA GLU B 393 19.52 -11.10 21.35
C GLU B 393 18.71 -9.92 21.89
N ASN B 394 17.42 -10.16 22.17
CA ASN B 394 16.54 -9.08 22.60
C ASN B 394 15.89 -9.37 23.95
N ASP B 395 15.50 -10.62 24.16
CA ASP B 395 14.78 -10.98 25.38
C ASP B 395 15.61 -11.89 26.28
N GLY B 396 16.59 -12.59 25.69
CA GLY B 396 17.40 -13.54 26.42
C GLY B 396 16.66 -14.86 26.55
N GLU B 397 17.15 -15.76 27.41
CA GLU B 397 16.50 -17.06 27.53
C GLU B 397 15.23 -16.91 28.35
N MET B 398 14.34 -17.89 28.21
CA MET B 398 13.06 -17.88 28.88
C MET B 398 12.87 -19.14 29.71
N TYR B 399 13.32 -20.27 29.16
CA TYR B 399 13.17 -21.56 29.82
C TYR B 399 14.52 -22.06 30.33
N GLY B 400 15.60 -21.62 29.70
CA GLY B 400 16.95 -21.93 30.17
C GLY B 400 17.80 -22.83 29.29
N ASN B 401 17.23 -23.33 28.20
CA ASN B 401 17.96 -24.22 27.30
C ASN B 401 18.02 -23.73 25.86
N GLU B 402 17.62 -22.47 25.64
CA GLU B 402 17.51 -21.93 24.29
C GLU B 402 18.82 -21.91 23.51
N ASN B 403 19.91 -21.52 24.16
CA ASN B 403 21.22 -21.48 23.50
C ASN B 403 21.64 -22.85 22.97
N GLU B 404 21.32 -23.89 23.72
CA GLU B 404 21.61 -25.25 23.28
C GLU B 404 20.67 -25.63 22.15
N VAL B 405 19.41 -25.19 22.26
CA VAL B 405 18.42 -25.41 21.21
C VAL B 405 18.89 -24.75 19.92
N LEU B 406 19.28 -23.48 20.03
CA LEU B 406 19.77 -22.72 18.88
C LEU B 406 21.02 -23.34 18.29
N ALA B 407 21.90 -23.84 19.16
CA ALA B 407 23.14 -24.47 18.72
C ALA B 407 22.87 -25.73 17.92
N ALA B 408 21.97 -26.58 18.43
CA ALA B 408 21.58 -27.79 17.73
C ALA B 408 20.88 -27.42 16.43
N LEU B 409 20.11 -26.34 16.48
CA LEU B 409 19.37 -25.85 15.33
C LEU B 409 20.31 -25.47 14.19
N ASN B 410 21.32 -24.67 14.51
CA ASN B 410 22.33 -24.28 13.53
C ASN B 410 23.08 -25.49 13.00
N GLY B 411 23.21 -26.52 13.82
CA GLY B 411 23.83 -27.76 13.40
C GLY B 411 23.02 -28.46 12.34
N ALA B 412 21.70 -28.52 12.55
CA ALA B 412 20.79 -29.14 11.60
C ALA B 412 20.71 -28.34 10.31
N TYR B 413 20.87 -27.02 10.44
CA TYR B 413 20.85 -26.11 9.30
C TYR B 413 22.00 -26.40 8.34
N ASP B 414 23.23 -26.40 8.85
CA ASP B 414 24.41 -26.66 8.03
C ASP B 414 24.40 -28.08 7.49
N LYS B 415 23.93 -29.01 8.31
CA LYS B 415 23.89 -30.42 7.94
C LYS B 415 22.95 -30.63 6.75
N ALA B 416 21.76 -30.03 6.82
CA ALA B 416 20.79 -30.13 5.73
C ALA B 416 21.31 -29.42 4.49
N LEU B 417 22.00 -28.30 4.70
CA LEU B 417 22.55 -27.51 3.62
C LEU B 417 23.66 -28.27 2.88
N LEU B 418 24.45 -29.03 3.62
CA LEU B 418 25.52 -29.83 3.04
C LEU B 418 24.99 -30.95 2.13
N ARG B 419 23.80 -31.45 2.46
CA ARG B 419 23.17 -32.48 1.63
C ARG B 419 22.76 -31.90 0.27
N LEU B 420 22.24 -30.68 0.29
CA LEU B 420 21.92 -29.99 -0.95
C LEU B 420 23.20 -29.70 -1.73
N PHE B 421 24.24 -29.35 -0.99
CA PHE B 421 25.56 -29.07 -1.56
C PHE B 421 26.11 -30.29 -2.27
N ALA B 422 25.97 -31.45 -1.62
CA ALA B 422 26.45 -32.71 -2.17
C ALA B 422 25.73 -33.05 -3.48
N SER B 423 24.41 -32.86 -3.49
CA SER B 423 23.59 -33.13 -4.66
C SER B 423 23.98 -32.24 -5.84
N ALA B 424 24.31 -30.99 -5.54
CA ALA B 424 24.75 -30.05 -6.58
C ALA B 424 26.11 -30.47 -7.11
N CYS B 425 26.97 -30.97 -6.22
CA CYS B 425 28.27 -31.51 -6.60
C CYS B 425 28.09 -32.76 -7.45
N SER B 426 27.11 -33.57 -7.08
CA SER B 426 26.79 -34.79 -7.78
C SER B 426 26.39 -34.53 -9.24
N ASP B 427 25.70 -33.41 -9.46
CA ASP B 427 25.21 -33.07 -10.79
C ASP B 427 26.16 -32.12 -11.52
N GLN B 428 27.41 -32.09 -11.08
CA GLN B 428 28.47 -31.29 -11.70
C GLN B 428 28.14 -29.79 -11.72
N ASN B 429 27.25 -29.36 -10.83
CA ASN B 429 26.81 -27.96 -10.80
C ASN B 429 27.64 -27.14 -9.81
N VAL B 430 28.79 -26.67 -10.26
CA VAL B 430 29.72 -25.95 -9.41
C VAL B 430 29.16 -24.62 -8.92
N GLU B 431 28.45 -23.92 -9.80
CA GLU B 431 27.88 -22.62 -9.46
C GLU B 431 26.81 -22.71 -8.36
N LYS B 432 25.92 -23.66 -8.50
CA LYS B 432 24.85 -23.87 -7.52
C LYS B 432 25.42 -24.32 -6.18
N ALA B 433 26.47 -25.14 -6.24
CA ALA B 433 27.13 -25.62 -5.04
C ALA B 433 27.78 -24.46 -4.28
N LEU B 434 28.45 -23.58 -5.02
CA LEU B 434 29.12 -22.44 -4.41
C LEU B 434 28.13 -21.49 -3.75
N SER B 435 26.97 -21.31 -4.37
CA SER B 435 25.93 -20.46 -3.79
C SER B 435 25.45 -21.06 -2.48
N LEU B 436 25.34 -22.38 -2.44
CA LEU B 436 24.93 -23.10 -1.24
C LEU B 436 25.97 -22.95 -0.13
N ALA B 437 27.24 -23.00 -0.51
CA ALA B 437 28.33 -22.92 0.45
C ALA B 437 28.38 -21.57 1.14
N HIS B 438 28.00 -20.52 0.42
CA HIS B 438 27.95 -19.18 0.99
C HIS B 438 26.93 -19.06 2.10
N GLU B 439 25.93 -19.95 2.09
CA GLU B 439 24.85 -19.91 3.06
C GLU B 439 25.19 -20.68 4.33
N LEU B 440 26.36 -21.30 4.37
CA LEU B 440 26.79 -22.07 5.53
C LEU B 440 27.13 -21.16 6.71
N LYS B 441 26.95 -21.67 7.93
CA LYS B 441 27.17 -20.88 9.14
C LYS B 441 28.51 -21.16 9.80
N GLN B 442 28.70 -22.41 10.23
CA GLN B 442 29.90 -22.82 10.95
C GLN B 442 31.10 -22.92 10.01
N ASP B 443 32.27 -22.54 10.49
CA ASP B 443 33.50 -22.69 9.72
C ASP B 443 33.85 -24.16 9.56
N ARG B 444 33.46 -24.98 10.53
CA ARG B 444 33.68 -26.42 10.45
C ARG B 444 32.78 -27.04 9.38
N ALA B 445 31.71 -26.34 9.04
CA ALA B 445 30.81 -26.77 7.98
C ALA B 445 31.43 -26.47 6.63
N LEU B 446 32.12 -25.34 6.54
CA LEU B 446 32.88 -24.98 5.35
C LEU B 446 33.94 -26.05 5.06
N THR B 447 34.56 -26.54 6.13
CA THR B 447 35.54 -27.61 6.04
C THR B 447 34.90 -28.86 5.45
N ALA B 448 33.70 -29.18 5.94
CA ALA B 448 32.95 -30.32 5.45
C ALA B 448 32.63 -30.16 3.96
N ALA B 449 32.34 -28.93 3.55
CA ALA B 449 32.05 -28.63 2.16
C ALA B 449 33.26 -28.86 1.29
N VAL B 450 34.43 -28.49 1.81
CA VAL B 450 35.69 -28.72 1.11
C VAL B 450 35.93 -30.21 0.90
N LYS B 451 35.75 -31.00 1.95
CA LYS B 451 35.93 -32.45 1.87
C LYS B 451 34.96 -33.10 0.90
N ILE B 452 33.74 -32.59 0.84
CA ILE B 452 32.75 -33.11 -0.10
C ILE B 452 33.15 -32.73 -1.52
N SER B 453 33.67 -31.51 -1.68
CA SER B 453 34.16 -31.04 -2.97
C SER B 453 35.33 -31.89 -3.45
N GLU B 454 36.22 -32.25 -2.54
CA GLU B 454 37.38 -33.08 -2.87
C GLU B 454 36.94 -34.47 -3.33
N ARG B 455 35.97 -35.05 -2.62
CA ARG B 455 35.48 -36.38 -2.96
C ARG B 455 34.76 -36.37 -4.30
N ALA B 456 34.22 -35.22 -4.69
CA ALA B 456 33.54 -35.08 -5.96
C ALA B 456 34.52 -34.70 -7.07
N GLU B 457 35.79 -34.54 -6.68
CA GLU B 457 36.86 -34.19 -7.60
C GLU B 457 36.59 -32.88 -8.32
N LEU B 458 36.30 -31.85 -7.53
CA LEU B 458 36.06 -30.51 -8.06
C LEU B 458 37.02 -29.51 -7.41
N PRO B 459 38.29 -29.49 -7.86
CA PRO B 459 39.35 -28.66 -7.26
C PRO B 459 39.08 -27.16 -7.36
N SER B 460 38.39 -26.74 -8.43
CA SER B 460 38.06 -25.33 -8.62
C SER B 460 37.09 -24.88 -7.53
N LEU B 461 36.19 -25.77 -7.16
CA LEU B 461 35.20 -25.50 -6.12
C LEU B 461 35.90 -25.38 -4.76
N VAL B 462 36.90 -26.24 -4.53
CA VAL B 462 37.63 -26.24 -3.28
C VAL B 462 38.30 -24.90 -3.00
N LYS B 463 38.99 -24.36 -4.00
CA LYS B 463 39.66 -23.08 -3.88
C LYS B 463 38.67 -21.96 -3.57
N LYS B 464 37.52 -22.01 -4.23
CA LYS B 464 36.50 -20.98 -4.06
C LYS B 464 35.89 -21.01 -2.65
N ILE B 465 35.73 -22.22 -2.10
CA ILE B 465 35.22 -22.35 -0.75
C ILE B 465 36.24 -21.90 0.28
N ASN B 466 37.52 -22.20 0.02
CA ASN B 466 38.60 -21.75 0.89
C ASN B 466 38.69 -20.22 0.90
N ASN B 467 38.30 -19.60 -0.21
CA ASN B 467 38.24 -18.15 -0.30
C ASN B 467 37.19 -17.57 0.63
N ILE B 468 36.06 -18.27 0.75
CA ILE B 468 34.99 -17.87 1.66
C ILE B 468 35.53 -17.85 3.09
N ARG B 469 36.28 -18.88 3.46
CA ARG B 469 36.92 -18.95 4.77
C ARG B 469 37.82 -17.74 5.00
N GLU B 470 38.61 -17.40 3.98
CA GLU B 470 39.54 -16.29 4.06
C GLU B 470 38.80 -14.95 4.15
N ALA B 471 37.72 -14.83 3.37
CA ALA B 471 36.92 -13.61 3.33
C ALA B 471 36.22 -13.36 4.66
N ARG B 472 35.84 -14.43 5.35
CA ARG B 472 35.18 -14.31 6.64
C ARG B 472 36.17 -13.97 7.73
N TYR B 473 37.38 -14.52 7.63
CA TYR B 473 38.43 -14.21 8.59
C TYR B 473 38.81 -12.73 8.54
N GLU B 474 38.77 -12.14 7.35
CA GLU B 474 39.09 -10.73 7.19
C GLU B 474 38.05 -9.84 7.87
N GLN B 475 36.77 -10.12 7.62
CA GLN B 475 35.68 -9.39 8.24
C GLN B 475 35.64 -9.57 9.76
N GLN B 476 36.14 -10.70 10.23
CA GLN B 476 36.15 -11.02 11.65
C GLN B 476 37.15 -10.17 12.43
N LEU B 477 38.12 -9.63 11.72
CA LEU B 477 39.18 -8.83 12.34
C LEU B 477 38.84 -7.34 12.34
N LYS B 478 37.62 -7.01 11.95
CA LYS B 478 37.18 -5.62 11.92
C LYS B 478 36.08 -5.35 12.95
N PHE C 25 -21.84 6.85 -9.79
CA PHE C 25 -21.56 8.02 -8.96
C PHE C 25 -21.07 9.20 -9.79
N ARG C 26 -21.53 10.40 -9.44
CA ARG C 26 -21.22 11.60 -10.19
C ARG C 26 -20.27 12.52 -9.43
N TYR C 27 -19.23 13.00 -10.11
CA TYR C 27 -18.29 13.95 -9.52
C TYR C 27 -18.75 15.38 -9.77
N MET C 28 -19.38 15.98 -8.76
CA MET C 28 -19.87 17.35 -8.87
C MET C 28 -18.81 18.35 -8.43
N PRO C 29 -18.78 19.53 -9.06
CA PRO C 29 -17.84 20.59 -8.69
C PRO C 29 -18.07 21.10 -7.28
N PHE C 30 -17.06 20.95 -6.41
CA PHE C 30 -17.19 21.34 -5.01
C PHE C 30 -16.50 22.67 -4.70
N SER C 31 -17.15 23.46 -3.84
CA SER C 31 -16.54 24.64 -3.23
C SER C 31 -17.07 24.77 -1.82
N PRO C 32 -16.22 25.24 -0.90
CA PRO C 32 -16.61 25.39 0.52
C PRO C 32 -17.85 26.24 0.72
N ALA C 33 -18.86 25.68 1.39
CA ALA C 33 -20.08 26.39 1.73
C ALA C 33 -20.81 26.97 0.51
N GLY C 34 -20.69 26.28 -0.63
CA GLY C 34 -21.36 26.70 -1.84
C GLY C 34 -22.83 26.30 -1.86
N THR C 35 -23.64 27.02 -2.62
CA THR C 35 -25.08 26.79 -2.66
C THR C 35 -25.55 26.53 -4.09
N PRO C 36 -26.63 25.75 -4.26
CA PRO C 36 -27.16 25.47 -5.59
C PRO C 36 -28.03 26.60 -6.14
N PHE C 37 -28.21 26.64 -7.46
CA PHE C 37 -29.08 27.61 -8.10
C PHE C 37 -30.52 27.48 -7.63
N GLY C 38 -30.99 26.25 -7.50
CA GLY C 38 -32.38 26.00 -7.16
C GLY C 38 -33.29 26.44 -8.29
N PHE C 39 -34.36 27.15 -7.94
CA PHE C 39 -35.29 27.66 -8.94
C PHE C 39 -34.96 29.10 -9.29
N THR C 40 -33.82 29.57 -8.81
CA THR C 40 -33.40 30.96 -9.02
C THR C 40 -32.30 31.03 -10.09
N ASP C 41 -31.83 32.24 -10.35
CA ASP C 41 -30.76 32.44 -11.33
C ASP C 41 -29.47 32.86 -10.66
N ARG C 42 -29.45 32.81 -9.33
CA ARG C 42 -28.25 33.20 -8.58
C ARG C 42 -27.96 32.21 -7.46
N ARG C 43 -26.68 32.13 -7.10
CA ARG C 43 -26.25 31.24 -6.02
C ARG C 43 -24.89 31.70 -5.48
N TYR C 44 -24.43 31.06 -4.41
CA TYR C 44 -23.13 31.36 -3.86
C TYR C 44 -22.09 30.33 -4.32
N LEU C 45 -20.99 30.81 -4.89
CA LEU C 45 -19.91 29.92 -5.30
C LEU C 45 -19.20 29.35 -4.07
N THR C 46 -18.63 30.23 -3.26
CA THR C 46 -17.98 29.82 -2.02
C THR C 46 -18.28 30.80 -0.89
N MET C 47 -17.84 30.46 0.31
CA MET C 47 -18.21 31.23 1.50
C MET C 47 -17.35 30.84 2.70
N ASN C 48 -16.73 31.84 3.33
CA ASN C 48 -15.99 31.60 4.58
C ASN C 48 -15.88 32.85 5.42
N GLU C 49 -14.96 32.85 6.39
CA GLU C 49 -14.85 33.95 7.34
C GLU C 49 -14.38 35.25 6.67
N VAL C 50 -13.74 35.13 5.51
CA VAL C 50 -13.25 36.30 4.79
C VAL C 50 -14.40 37.04 4.11
N GLY C 51 -15.26 36.29 3.46
CA GLY C 51 -16.38 36.89 2.73
C GLY C 51 -17.19 35.85 2.00
N TYR C 52 -17.85 36.28 0.92
CA TYR C 52 -18.69 35.40 0.14
C TYR C 52 -18.70 35.77 -1.33
N VAL C 53 -18.75 34.75 -2.20
CA VAL C 53 -18.76 34.97 -3.64
C VAL C 53 -20.06 34.47 -4.25
N SER C 54 -20.68 35.27 -5.10
CA SER C 54 -21.95 34.91 -5.72
C SER C 54 -21.86 35.03 -7.24
N THR C 55 -22.73 34.29 -7.92
CA THR C 55 -22.80 34.36 -9.37
C THR C 55 -24.25 34.43 -9.83
N VAL C 56 -24.52 35.28 -10.82
CA VAL C 56 -25.88 35.48 -11.29
C VAL C 56 -26.00 35.22 -12.79
N LYS C 57 -26.96 34.39 -13.18
CA LYS C 57 -27.26 34.18 -14.59
C LYS C 57 -27.93 35.43 -15.17
N ASN C 58 -27.36 35.96 -16.25
CA ASN C 58 -27.99 37.06 -16.96
C ASN C 58 -28.37 36.66 -18.38
N SER C 59 -28.47 37.65 -19.27
CA SER C 59 -28.97 37.43 -20.62
C SER C 59 -28.09 36.47 -21.44
N GLU C 60 -26.78 36.69 -21.41
CA GLU C 60 -25.88 35.92 -22.26
C GLU C 60 -24.71 35.28 -21.50
N GLN C 61 -24.37 35.85 -20.35
CA GLN C 61 -23.22 35.36 -19.58
C GLN C 61 -23.55 35.20 -18.10
N TYR C 62 -22.52 35.36 -17.27
CA TYR C 62 -22.69 35.33 -15.83
C TYR C 62 -22.12 36.59 -15.20
N SER C 63 -22.53 36.87 -13.96
CA SER C 63 -22.02 38.01 -13.22
C SER C 63 -21.56 37.57 -11.84
N ILE C 64 -20.26 37.65 -11.60
CA ILE C 64 -19.67 37.21 -10.34
C ILE C 64 -19.40 38.39 -9.42
N THR C 65 -19.84 38.26 -8.16
CA THR C 65 -19.59 39.28 -7.16
C THR C 65 -18.79 38.72 -6.00
N VAL C 66 -17.75 39.44 -5.59
CA VAL C 66 -16.94 39.06 -4.44
C VAL C 66 -17.10 40.07 -3.31
N SER C 67 -17.68 39.62 -2.20
CA SER C 67 -17.96 40.52 -1.08
C SER C 67 -17.22 40.09 0.18
N PHE C 68 -17.06 41.02 1.11
CA PHE C 68 -16.30 40.77 2.33
C PHE C 68 -17.11 41.13 3.58
N PHE C 69 -16.75 40.53 4.71
CA PHE C 69 -17.42 40.83 5.97
C PHE C 69 -16.74 41.98 6.70
N ASP C 70 -15.42 42.05 6.61
CA ASP C 70 -14.68 43.22 7.09
C ASP C 70 -14.55 44.21 5.94
N VAL C 71 -15.55 45.06 5.79
CA VAL C 71 -15.63 46.00 4.67
C VAL C 71 -14.52 47.04 4.74
N GLY C 72 -14.00 47.28 5.95
CA GLY C 72 -12.94 48.24 6.13
C GLY C 72 -11.60 47.79 5.56
N ARG C 73 -11.48 46.50 5.31
CA ARG C 73 -10.21 45.91 4.89
C ARG C 73 -10.11 45.70 3.37
N PHE C 74 -11.10 45.04 2.79
CA PHE C 74 -11.07 44.72 1.37
C PHE C 74 -12.13 45.46 0.56
N ARG C 75 -11.84 45.70 -0.72
CA ARG C 75 -12.79 46.33 -1.63
C ARG C 75 -13.65 45.30 -2.35
N GLU C 76 -14.95 45.32 -2.08
CA GLU C 76 -15.89 44.49 -2.83
C GLU C 76 -15.83 44.85 -4.32
N TYR C 77 -15.95 43.85 -5.18
CA TYR C 77 -15.94 44.10 -6.62
C TYR C 77 -16.75 43.04 -7.35
N HIS C 78 -17.00 43.29 -8.64
CA HIS C 78 -17.73 42.35 -9.48
C HIS C 78 -17.21 42.41 -10.90
N PHE C 79 -17.46 41.36 -11.68
CA PHE C 79 -17.05 41.32 -13.08
C PHE C 79 -17.92 40.38 -13.90
N GLU C 80 -17.92 40.57 -15.21
CA GLU C 80 -18.62 39.68 -16.12
C GLU C 80 -17.86 38.39 -16.30
N ASP C 81 -18.58 37.27 -16.25
CA ASP C 81 -17.97 35.95 -16.38
C ASP C 81 -18.39 35.31 -17.70
N LEU C 82 -17.49 35.35 -18.67
CA LEU C 82 -17.76 34.81 -20.01
C LEU C 82 -17.58 33.30 -20.05
N PHE C 83 -16.89 32.75 -19.06
CA PHE C 83 -16.55 31.34 -19.04
C PHE C 83 -17.57 30.49 -18.28
N GLY C 84 -18.15 31.05 -17.23
CA GLY C 84 -19.15 30.35 -16.45
C GLY C 84 -18.57 29.52 -15.32
N TYR C 85 -17.71 30.15 -14.51
CA TYR C 85 -17.05 29.46 -13.40
C TYR C 85 -18.06 28.85 -12.43
N ASP C 86 -17.80 27.62 -12.00
CA ASP C 86 -18.64 26.94 -11.03
C ASP C 86 -17.83 26.46 -9.85
N LEU C 87 -16.54 26.81 -9.85
CA LEU C 87 -15.64 26.48 -8.75
C LEU C 87 -15.04 27.75 -8.20
N CYS C 88 -14.93 27.84 -6.87
CA CYS C 88 -14.33 29.02 -6.26
C CYS C 88 -13.70 28.72 -4.90
N PHE C 89 -12.64 29.45 -4.59
CA PHE C 89 -12.01 29.39 -3.29
C PHE C 89 -11.49 30.77 -2.90
N LEU C 90 -11.76 31.18 -1.66
CA LEU C 90 -11.46 32.53 -1.22
C LEU C 90 -10.54 32.55 0.00
N ASN C 91 -9.45 33.31 -0.09
CA ASN C 91 -8.59 33.52 1.07
C ASN C 91 -8.38 35.01 1.33
N GLU C 92 -7.46 35.34 2.22
CA GLU C 92 -7.26 36.73 2.65
C GLU C 92 -6.43 37.57 1.68
N LYS C 93 -5.97 36.95 0.59
CA LYS C 93 -5.10 37.65 -0.35
C LYS C 93 -5.68 37.71 -1.76
N GLY C 94 -6.54 36.75 -2.10
CA GLY C 94 -7.16 36.73 -3.41
C GLY C 94 -8.27 35.72 -3.53
N THR C 95 -8.86 35.64 -4.72
CA THR C 95 -9.93 34.69 -5.00
C THR C 95 -9.56 33.80 -6.19
N LEU C 96 -9.84 32.52 -6.08
CA LEU C 96 -9.54 31.57 -7.15
C LEU C 96 -10.83 31.08 -7.80
N PHE C 97 -10.86 31.10 -9.13
CA PHE C 97 -12.04 30.66 -9.87
C PHE C 97 -11.69 29.49 -10.78
N GLY C 98 -12.65 28.60 -11.00
CA GLY C 98 -12.43 27.45 -11.84
C GLY C 98 -13.66 27.03 -12.62
N GLN C 99 -13.43 26.64 -13.88
CA GLN C 99 -14.50 26.06 -14.71
C GLN C 99 -14.26 24.56 -14.84
N SER C 100 -15.20 23.78 -14.31
CA SER C 100 -14.99 22.34 -14.14
C SER C 100 -14.87 21.56 -15.44
N LYS C 101 -15.58 21.99 -16.48
CA LYS C 101 -15.63 21.23 -17.73
C LYS C 101 -14.56 21.65 -18.74
N THR C 102 -14.21 22.94 -18.75
CA THR C 102 -13.23 23.42 -19.73
C THR C 102 -11.83 23.55 -19.12
N GLY C 103 -11.74 23.30 -17.82
CA GLY C 103 -10.45 23.32 -17.14
C GLY C 103 -9.83 24.71 -17.05
N GLN C 104 -10.65 25.74 -17.19
CA GLN C 104 -10.17 27.11 -17.12
C GLN C 104 -10.16 27.61 -15.68
N ILE C 105 -9.04 28.19 -15.25
CA ILE C 105 -8.95 28.78 -13.91
C ILE C 105 -8.46 30.21 -13.99
N GLN C 106 -8.82 31.01 -12.99
CA GLN C 106 -8.35 32.38 -12.90
C GLN C 106 -8.11 32.78 -11.46
N TYR C 107 -6.96 33.40 -11.20
CA TYR C 107 -6.66 33.88 -9.87
C TYR C 107 -6.69 35.41 -9.84
N ARG C 108 -7.49 35.96 -8.93
CA ARG C 108 -7.62 37.40 -8.81
C ARG C 108 -7.20 37.87 -7.41
N PRO C 109 -6.02 38.48 -7.31
CA PRO C 109 -5.55 39.06 -6.04
C PRO C 109 -6.47 40.19 -5.57
N HIS C 110 -6.66 40.31 -4.26
CA HIS C 110 -7.53 41.33 -3.70
C HIS C 110 -7.00 42.75 -3.95
N ASP C 111 -5.69 42.86 -4.13
CA ASP C 111 -5.07 44.16 -4.37
C ASP C 111 -4.84 44.38 -5.86
N SER C 112 -4.84 45.64 -6.28
CA SER C 112 -4.61 45.99 -7.68
C SER C 112 -3.12 45.93 -8.03
N ILE C 113 -2.29 45.99 -7.00
CA ILE C 113 -0.85 45.93 -7.15
C ILE C 113 -0.40 44.66 -7.87
N HIS C 114 -1.11 43.56 -7.60
CA HIS C 114 -0.81 42.27 -8.21
C HIS C 114 -1.77 41.99 -9.36
N SER C 115 -1.26 41.41 -10.44
CA SER C 115 -2.06 41.17 -11.63
C SER C 115 -2.92 39.91 -11.51
N ASN C 116 -4.07 39.92 -12.17
CA ASN C 116 -4.85 38.70 -12.36
C ASN C 116 -4.12 37.81 -13.35
N TRP C 117 -4.26 36.49 -13.19
CA TRP C 117 -3.74 35.59 -14.22
C TRP C 117 -4.71 34.44 -14.51
N THR C 118 -4.73 34.03 -15.77
CA THR C 118 -5.62 32.97 -16.22
C THR C 118 -4.79 31.84 -16.84
N LYS C 119 -5.21 30.61 -16.60
CA LYS C 119 -4.51 29.43 -17.10
C LYS C 119 -5.52 28.33 -17.40
N ILE C 120 -5.21 27.48 -18.37
CA ILE C 120 -6.09 26.37 -18.69
C ILE C 120 -5.48 25.05 -18.24
N ILE C 121 -6.26 24.28 -17.48
CA ILE C 121 -5.83 22.98 -16.99
C ILE C 121 -6.17 21.88 -17.98
N PRO C 122 -5.17 21.07 -18.34
CA PRO C 122 -5.39 19.94 -19.26
C PRO C 122 -6.42 18.98 -18.70
N LEU C 123 -7.33 18.52 -19.56
CA LEU C 123 -8.34 17.55 -19.16
C LEU C 123 -8.50 16.46 -20.21
N GLN C 124 -8.37 15.21 -19.78
CA GLN C 124 -8.66 14.08 -20.67
C GLN C 124 -10.17 13.94 -20.82
N ALA C 125 -10.60 13.00 -21.65
CA ALA C 125 -12.02 12.81 -21.90
C ALA C 125 -12.78 12.45 -20.63
N GLY C 126 -13.79 13.25 -20.30
CA GLY C 126 -14.63 12.98 -19.15
C GLY C 126 -14.04 13.43 -17.83
N GLU C 127 -12.85 14.02 -17.88
CA GLU C 127 -12.19 14.51 -16.67
C GLU C 127 -12.71 15.90 -16.33
N ARG C 128 -13.15 16.08 -15.10
CA ARG C 128 -13.65 17.37 -14.62
C ARG C 128 -12.80 17.87 -13.45
N ILE C 129 -12.57 19.17 -13.38
CA ILE C 129 -12.02 19.74 -12.16
C ILE C 129 -13.09 19.62 -11.08
N THR C 130 -12.72 19.06 -9.94
CA THR C 130 -13.72 18.78 -8.91
C THR C 130 -13.64 19.76 -7.73
N SER C 131 -12.47 20.37 -7.55
CA SER C 131 -12.27 21.31 -6.45
C SER C 131 -10.97 22.09 -6.62
N VAL C 132 -11.00 23.37 -6.26
CA VAL C 132 -9.80 24.18 -6.25
C VAL C 132 -9.58 24.79 -4.87
N ALA C 133 -8.37 25.27 -4.63
CA ALA C 133 -8.04 25.91 -3.37
C ALA C 133 -6.77 26.73 -3.51
N ALA C 134 -6.64 27.78 -2.70
CA ALA C 134 -5.47 28.64 -2.78
C ALA C 134 -5.07 29.20 -1.42
N THR C 135 -3.79 29.53 -1.31
CA THR C 135 -3.24 30.19 -0.14
C THR C 135 -2.44 31.39 -0.65
N PRO C 136 -1.89 32.22 0.24
CA PRO C 136 -1.01 33.28 -0.26
C PRO C 136 0.16 32.78 -1.11
N VAL C 137 0.58 31.54 -0.94
CA VAL C 137 1.76 31.05 -1.65
C VAL C 137 1.51 29.83 -2.55
N ARG C 138 0.28 29.32 -2.56
CA ARG C 138 -0.02 28.11 -3.33
C ARG C 138 -1.38 28.16 -4.02
N VAL C 139 -1.46 27.53 -5.19
CA VAL C 139 -2.72 27.34 -5.90
C VAL C 139 -2.88 25.86 -6.23
N ILE C 140 -4.03 25.29 -5.88
CA ILE C 140 -4.24 23.85 -5.99
C ILE C 140 -5.45 23.51 -6.87
N VAL C 141 -5.27 22.53 -7.75
CA VAL C 141 -6.36 22.05 -8.58
C VAL C 141 -6.47 20.52 -8.50
N GLY C 142 -7.68 20.02 -8.23
CA GLY C 142 -7.92 18.60 -8.16
C GLY C 142 -8.97 18.16 -9.17
N THR C 143 -8.82 16.94 -9.70
CA THR C 143 -9.70 16.45 -10.75
C THR C 143 -10.38 15.14 -10.40
N SER C 144 -11.35 14.75 -11.21
CA SER C 144 -12.10 13.51 -11.02
C SER C 144 -11.26 12.29 -11.35
N LEU C 145 -10.16 12.49 -12.07
CA LEU C 145 -9.26 11.39 -12.40
C LEU C 145 -8.11 11.31 -11.41
N GLY C 146 -8.12 12.17 -10.40
CA GLY C 146 -7.13 12.11 -9.34
C GLY C 146 -5.84 12.83 -9.64
N TYR C 147 -5.89 13.79 -10.57
CA TYR C 147 -4.73 14.60 -10.87
C TYR C 147 -4.63 15.75 -9.88
N PHE C 148 -3.46 15.89 -9.25
CA PHE C 148 -3.22 16.92 -8.27
C PHE C 148 -2.18 17.90 -8.83
N ARG C 149 -2.66 19.07 -9.25
CA ARG C 149 -1.76 20.07 -9.84
C ARG C 149 -1.58 21.26 -8.91
N SER C 150 -0.33 21.62 -8.68
CA SER C 150 -0.01 22.72 -7.77
C SER C 150 0.75 23.85 -8.47
N PHE C 151 0.52 25.07 -8.01
CA PHE C 151 1.16 26.25 -8.57
C PHE C 151 1.50 27.22 -7.45
N ASN C 152 2.26 28.26 -7.75
CA ASN C 152 2.41 29.36 -6.80
C ASN C 152 1.39 30.44 -7.12
N GLN C 153 1.38 31.53 -6.36
CA GLN C 153 0.35 32.55 -6.51
C GLN C 153 0.47 33.34 -7.81
N PHE C 154 1.44 33.00 -8.64
CA PHE C 154 1.64 33.68 -9.92
C PHE C 154 1.36 32.76 -11.11
N GLY C 155 1.07 31.50 -10.83
CA GLY C 155 0.69 30.56 -11.87
C GLY C 155 1.78 29.61 -12.30
N VAL C 156 2.98 29.81 -11.76
CA VAL C 156 4.10 28.93 -12.08
C VAL C 156 3.85 27.55 -11.51
N PRO C 157 3.80 26.52 -12.38
CA PRO C 157 3.56 25.14 -11.94
C PRO C 157 4.70 24.61 -11.08
N PHE C 158 4.36 23.80 -10.08
CA PHE C 158 5.37 23.23 -9.20
C PHE C 158 5.41 21.71 -9.29
N ALA C 159 4.24 21.10 -9.45
CA ALA C 159 4.16 19.65 -9.51
C ALA C 159 2.86 19.17 -10.15
N VAL C 160 2.91 17.97 -10.72
CA VAL C 160 1.72 17.27 -11.16
C VAL C 160 1.74 15.89 -10.53
N GLU C 161 0.76 15.60 -9.68
CA GLU C 161 0.74 14.34 -8.96
C GLU C 161 -0.49 13.52 -9.32
N LYS C 162 -0.35 12.19 -9.26
CA LYS C 162 -1.46 11.29 -9.49
C LYS C 162 -1.89 10.65 -8.17
N THR C 163 -3.16 10.82 -7.82
CA THR C 163 -3.72 10.23 -6.61
C THR C 163 -5.07 9.60 -6.91
N SER C 164 -5.79 9.23 -5.86
CA SER C 164 -7.19 8.83 -5.99
C SER C 164 -8.01 10.02 -6.45
N PRO C 165 -9.15 9.76 -7.11
CA PRO C 165 -10.06 10.83 -7.54
C PRO C 165 -10.38 11.81 -6.41
N ILE C 166 -10.19 13.10 -6.67
CA ILE C 166 -10.39 14.14 -5.67
C ILE C 166 -11.81 14.69 -5.73
N VAL C 167 -12.44 14.83 -4.57
CA VAL C 167 -13.79 15.38 -4.53
C VAL C 167 -13.85 16.71 -3.78
N ALA C 168 -12.89 16.96 -2.90
CA ALA C 168 -12.85 18.20 -2.13
C ALA C 168 -11.43 18.57 -1.70
N LEU C 169 -11.12 19.86 -1.79
CA LEU C 169 -9.82 20.39 -1.41
C LEU C 169 -9.95 21.60 -0.49
N THR C 170 -9.01 21.74 0.43
CA THR C 170 -8.84 22.98 1.18
C THR C 170 -7.37 23.11 1.58
N ALA C 171 -6.94 24.34 1.83
CA ALA C 171 -5.53 24.59 2.09
C ALA C 171 -5.31 25.74 3.06
N GLN C 172 -4.17 25.72 3.75
CA GLN C 172 -3.79 26.77 4.68
C GLN C 172 -2.28 26.90 4.72
N ASN C 173 -1.77 28.04 4.24
CA ASN C 173 -0.35 28.28 4.07
C ASN C 173 0.31 27.25 3.14
N TYR C 174 0.97 26.25 3.72
CA TYR C 174 1.61 25.22 2.93
C TYR C 174 0.94 23.86 3.11
N ARG C 175 -0.04 23.80 4.01
CA ARG C 175 -0.73 22.54 4.29
C ARG C 175 -1.93 22.33 3.36
N VAL C 176 -2.19 21.07 3.03
CA VAL C 176 -3.32 20.73 2.18
C VAL C 176 -4.14 19.60 2.79
N PHE C 177 -5.46 19.75 2.76
CA PHE C 177 -6.38 18.72 3.22
C PHE C 177 -7.31 18.33 2.07
N SER C 178 -7.17 17.10 1.59
CA SER C 178 -7.93 16.64 0.44
C SER C 178 -8.82 15.46 0.77
N VAL C 179 -10.01 15.45 0.18
CA VAL C 179 -10.94 14.34 0.35
C VAL C 179 -11.02 13.57 -0.96
N HIS C 180 -10.79 12.26 -0.89
CA HIS C 180 -10.77 11.44 -2.09
C HIS C 180 -11.89 10.41 -2.08
N TYR C 181 -12.22 9.90 -3.27
CA TYR C 181 -13.22 8.84 -3.38
C TYR C 181 -12.66 7.63 -4.10
N SER C 182 -12.97 6.45 -3.58
CA SER C 182 -12.57 5.19 -4.19
C SER C 182 -13.80 4.33 -4.46
N GLN C 183 -13.74 3.52 -5.52
CA GLN C 183 -14.80 2.59 -5.83
C GLN C 183 -14.99 1.58 -4.70
N PHE C 184 -13.91 1.33 -3.97
CA PHE C 184 -13.86 0.23 -3.02
C PHE C 184 -14.24 0.64 -1.59
N HIS C 185 -13.51 1.58 -1.00
CA HIS C 185 -13.75 1.94 0.39
C HIS C 185 -14.39 3.32 0.55
N GLY C 186 -14.85 3.91 -0.56
CA GLY C 186 -15.55 5.18 -0.52
C GLY C 186 -14.69 6.37 -0.18
N LEU C 187 -15.17 7.21 0.71
CA LEU C 187 -14.48 8.46 1.05
C LEU C 187 -13.24 8.24 1.90
N SER C 188 -12.18 8.97 1.56
CA SER C 188 -10.95 8.99 2.33
C SER C 188 -10.37 10.39 2.32
N TYR C 189 -9.36 10.63 3.15
CA TYR C 189 -8.75 11.95 3.21
C TYR C 189 -7.24 11.84 3.27
N SER C 190 -6.56 12.81 2.67
CA SER C 190 -5.12 12.95 2.81
C SER C 190 -4.80 14.29 3.47
N LEU C 191 -3.69 14.33 4.19
CA LEU C 191 -3.22 15.57 4.80
C LEU C 191 -1.73 15.71 4.52
N SER C 192 -1.36 16.80 3.85
CA SER C 192 0.02 16.96 3.41
C SER C 192 0.50 18.40 3.55
N GLU C 193 1.80 18.58 3.38
CA GLU C 193 2.44 19.89 3.49
C GLU C 193 3.36 20.15 2.29
N LEU C 194 3.04 21.18 1.51
CA LEU C 194 3.80 21.51 0.31
C LEU C 194 4.99 22.41 0.62
N GLY C 195 5.91 21.93 1.47
CA GLY C 195 7.05 22.72 1.90
C GLY C 195 8.01 23.12 0.80
N THR C 196 9.08 23.82 1.17
CA THR C 196 10.07 24.29 0.23
C THR C 196 10.94 23.14 -0.30
N SER C 197 11.02 22.06 0.49
CA SER C 197 11.78 20.89 0.09
C SER C 197 10.96 20.00 -0.83
N SER C 198 10.05 19.24 -0.25
CA SER C 198 9.17 18.36 -1.02
C SER C 198 7.86 18.11 -0.27
N LYS C 199 6.84 17.65 -1.00
CA LYS C 199 5.55 17.37 -0.42
C LYS C 199 5.61 16.21 0.58
N ARG C 200 5.30 16.50 1.84
CA ARG C 200 5.28 15.47 2.88
C ARG C 200 3.84 15.07 3.22
N TYR C 201 3.60 13.79 3.39
CA TYR C 201 2.29 13.29 3.79
C TYR C 201 2.23 12.95 5.27
N TYR C 202 1.29 13.57 5.98
CA TYR C 202 1.04 13.24 7.37
C TYR C 202 -0.02 12.14 7.46
N LYS C 203 -0.99 12.22 6.56
CA LYS C 203 -2.02 11.19 6.42
C LYS C 203 -2.21 10.89 4.94
N ARG C 204 -2.27 9.61 4.58
CA ARG C 204 -2.36 9.24 3.17
C ARG C 204 -3.59 8.37 2.91
N GLU C 205 -4.66 9.01 2.47
CA GLU C 205 -5.92 8.35 2.14
C GLU C 205 -6.42 7.49 3.31
N CYS C 206 -6.62 8.14 4.45
CA CYS C 206 -7.12 7.50 5.66
C CYS C 206 -8.64 7.53 5.69
N PRO C 207 -9.26 6.69 6.53
CA PRO C 207 -10.73 6.70 6.64
C PRO C 207 -11.31 8.04 7.07
N LEU C 208 -12.34 8.48 6.35
CA LEU C 208 -13.07 9.70 6.69
C LEU C 208 -14.33 9.33 7.47
N PRO C 209 -14.37 9.66 8.77
CA PRO C 209 -15.46 9.26 9.65
C PRO C 209 -16.73 10.10 9.48
N MET C 210 -16.86 10.80 8.35
CA MET C 210 -18.00 11.64 8.11
C MET C 210 -19.21 10.82 7.65
N SER C 211 -20.40 11.28 8.02
CA SER C 211 -21.64 10.59 7.68
C SER C 211 -22.19 11.07 6.34
N LEU C 212 -22.44 10.11 5.44
CA LEU C 212 -23.04 10.42 4.15
C LEU C 212 -24.51 10.81 4.31
N PRO C 213 -25.06 11.54 3.32
CA PRO C 213 -26.48 11.93 3.35
C PRO C 213 -27.42 10.74 3.46
N ASN C 214 -28.43 10.87 4.31
CA ASN C 214 -29.40 9.80 4.52
C ASN C 214 -30.39 9.66 3.36
N ASP C 222 -38.47 15.70 -0.60
CA ASP C 222 -37.63 16.62 0.17
C ASP C 222 -37.50 17.95 -0.54
N ALA C 223 -37.59 19.05 0.22
CA ALA C 223 -37.45 20.38 -0.34
C ALA C 223 -35.98 20.70 -0.66
N ASN C 224 -35.08 20.10 0.12
CA ASN C 224 -33.65 20.26 -0.11
C ASN C 224 -33.11 19.14 -0.98
N LEU C 225 -33.78 18.88 -2.09
CA LEU C 225 -33.38 17.82 -3.01
C LEU C 225 -32.41 18.36 -4.05
N ASP C 226 -32.52 19.64 -4.34
CA ASP C 226 -31.61 20.30 -5.27
C ASP C 226 -30.20 20.33 -4.72
N TYR C 227 -30.07 20.31 -3.39
CA TYR C 227 -28.77 20.42 -2.75
C TYR C 227 -27.98 19.12 -2.83
N TYR C 228 -28.65 18.00 -2.59
CA TYR C 228 -27.96 16.72 -2.59
C TYR C 228 -27.69 16.23 -4.02
N ASN C 229 -28.29 16.91 -5.00
CA ASN C 229 -27.91 16.73 -6.39
C ASN C 229 -26.73 17.62 -6.72
N PHE C 230 -26.60 18.72 -5.97
CA PHE C 230 -25.52 19.68 -6.13
C PHE C 230 -24.27 19.23 -5.36
N ASN C 231 -24.50 18.57 -4.22
CA ASN C 231 -23.42 18.08 -3.39
C ASN C 231 -23.77 16.72 -2.78
N PRO C 232 -23.58 15.65 -3.57
CA PRO C 232 -23.99 14.28 -3.21
C PRO C 232 -23.26 13.71 -1.99
N MET C 233 -22.08 14.22 -1.68
CA MET C 233 -21.32 13.72 -0.55
C MET C 233 -21.74 14.42 0.75
N GLY C 234 -22.56 15.44 0.62
CA GLY C 234 -23.11 16.13 1.78
C GLY C 234 -22.12 16.98 2.55
N ILE C 235 -20.92 17.17 1.99
CA ILE C 235 -19.92 17.99 2.63
C ILE C 235 -20.25 19.46 2.44
N LYS C 236 -20.87 20.06 3.46
CA LYS C 236 -21.27 21.46 3.37
C LYS C 236 -20.06 22.37 3.25
N SER C 237 -19.05 22.09 4.07
CA SER C 237 -17.78 22.82 3.96
C SER C 237 -16.66 22.03 4.61
N LEU C 238 -15.42 22.46 4.36
CA LEU C 238 -14.26 21.92 5.03
C LEU C 238 -13.18 22.98 5.04
N PHE C 239 -12.36 22.98 6.09
CA PHE C 239 -11.36 24.03 6.28
C PHE C 239 -10.38 23.69 7.39
N PHE C 240 -9.34 24.50 7.50
CA PHE C 240 -8.43 24.40 8.62
C PHE C 240 -8.88 25.34 9.73
N SER C 241 -8.68 24.94 10.97
CA SER C 241 -8.94 25.83 12.10
C SER C 241 -7.88 26.92 12.14
N SER C 242 -8.03 27.87 13.07
CA SER C 242 -7.06 28.92 13.21
C SER C 242 -5.76 28.40 13.82
N TYR C 243 -5.82 27.21 14.40
CA TYR C 243 -4.63 26.58 14.98
C TYR C 243 -4.15 25.38 14.13
N GLY C 244 -4.57 25.34 12.88
CA GLY C 244 -4.02 24.41 11.91
C GLY C 244 -4.57 23.00 11.89
N ASP C 245 -5.81 22.83 12.34
CA ASP C 245 -6.43 21.50 12.35
C ASP C 245 -7.54 21.37 11.32
N PRO C 246 -7.52 20.27 10.55
CA PRO C 246 -8.52 19.98 9.52
C PRO C 246 -9.93 19.81 10.09
N CYS C 247 -10.89 20.55 9.56
CA CYS C 247 -12.28 20.43 10.00
C CYS C 247 -13.19 20.08 8.82
N ILE C 248 -14.24 19.32 9.10
CA ILE C 248 -15.23 19.00 8.09
C ILE C 248 -16.63 19.11 8.69
N PHE C 249 -17.60 19.50 7.86
CA PHE C 249 -18.96 19.75 8.30
C PHE C 249 -19.94 19.08 7.36
N GLY C 250 -20.40 17.89 7.72
CA GLY C 250 -21.22 17.08 6.85
C GLY C 250 -22.71 17.38 6.92
N SER C 251 -23.52 16.45 6.40
CA SER C 251 -24.96 16.62 6.34
C SER C 251 -25.61 16.39 7.71
N ASP C 252 -24.90 15.68 8.59
CA ASP C 252 -25.38 15.44 9.94
C ASP C 252 -25.19 16.68 10.82
N ASN C 253 -24.65 17.73 10.21
CA ASN C 253 -24.48 19.02 10.84
C ASN C 253 -23.62 18.97 12.10
N THR C 254 -22.60 18.12 12.07
CA THR C 254 -21.66 18.02 13.18
C THR C 254 -20.25 18.42 12.72
N LEU C 255 -19.64 19.33 13.46
CA LEU C 255 -18.29 19.79 13.14
C LEU C 255 -17.24 18.80 13.65
N LEU C 256 -16.57 18.13 12.71
CA LEU C 256 -15.55 17.15 13.05
C LEU C 256 -14.16 17.78 12.99
N LEU C 257 -13.36 17.54 14.03
CA LEU C 257 -12.02 18.11 14.12
C LEU C 257 -10.95 17.05 14.25
N LEU C 258 -10.01 17.04 13.30
CA LEU C 258 -8.90 16.09 13.34
C LEU C 258 -7.78 16.60 14.24
N SER C 259 -7.64 15.99 15.41
CA SER C 259 -6.66 16.44 16.39
C SER C 259 -5.42 15.55 16.41
N LYS C 260 -4.29 16.14 16.78
CA LYS C 260 -3.02 15.43 16.91
C LYS C 260 -2.65 14.66 15.64
N TRP C 261 -2.80 15.30 14.50
CA TRP C 261 -2.50 14.66 13.22
C TRP C 261 -0.99 14.53 12.98
N ARG C 262 -0.21 15.20 13.81
CA ARG C 262 1.25 15.11 13.74
C ARG C 262 1.75 13.81 14.37
N SER C 263 0.84 13.10 15.05
CA SER C 263 1.18 11.83 15.68
C SER C 263 0.21 10.74 15.26
N PRO C 264 0.70 9.76 14.47
CA PRO C 264 -0.10 8.67 13.91
C PRO C 264 -0.80 7.82 14.97
N GLU C 265 -0.19 7.71 16.14
CA GLU C 265 -0.68 6.83 17.18
C GLU C 265 -1.90 7.40 17.91
N GLU C 266 -1.96 8.72 18.02
CA GLU C 266 -3.03 9.36 18.78
C GLU C 266 -3.84 10.37 17.96
N SER C 267 -3.90 10.16 16.65
CA SER C 267 -4.68 11.01 15.77
C SER C 267 -6.13 10.53 15.69
N LYS C 268 -7.06 11.33 16.18
CA LYS C 268 -8.47 10.97 16.08
C LYS C 268 -9.36 12.18 15.75
N TRP C 269 -10.51 11.89 15.17
CA TRP C 269 -11.50 12.91 14.87
C TRP C 269 -12.42 13.16 16.04
N LEU C 270 -12.65 14.43 16.36
CA LEU C 270 -13.46 14.81 17.50
C LEU C 270 -14.70 15.60 17.10
N PRO C 271 -15.90 15.04 17.36
CA PRO C 271 -17.15 15.77 17.15
C PRO C 271 -17.32 16.87 18.19
N ILE C 272 -16.66 18.01 17.96
CA ILE C 272 -16.61 19.07 18.97
C ILE C 272 -17.83 19.97 18.97
N LEU C 273 -18.75 19.74 18.04
CA LEU C 273 -19.94 20.59 17.96
C LEU C 273 -21.08 19.95 17.17
N ASP C 274 -22.14 19.58 17.88
CA ASP C 274 -23.37 19.15 17.25
C ASP C 274 -24.31 20.35 17.17
N SER C 275 -24.36 20.98 16.00
CA SER C 275 -25.11 22.21 15.82
C SER C 275 -26.61 22.02 16.01
N ASN C 276 -27.06 20.77 15.94
CA ASN C 276 -28.47 20.45 16.22
C ASN C 276 -28.81 20.73 17.68
N MET C 277 -27.88 20.40 18.58
CA MET C 277 -28.06 20.63 20.01
C MET C 277 -28.08 22.11 20.35
N GLU C 278 -27.11 22.86 19.82
CA GLU C 278 -26.97 24.28 20.13
C GLU C 278 -28.18 25.10 19.67
N ILE C 279 -28.77 24.69 18.55
CA ILE C 279 -30.00 25.32 18.07
C ILE C 279 -31.15 25.02 19.02
N TRP C 280 -31.23 23.76 19.44
CA TRP C 280 -32.29 23.31 20.33
C TRP C 280 -32.29 24.07 21.65
N LYS C 281 -31.09 24.45 22.11
CA LYS C 281 -30.97 25.24 23.33
C LYS C 281 -31.43 26.67 23.12
N MET C 282 -31.17 27.21 21.93
CA MET C 282 -31.56 28.56 21.58
C MET C 282 -33.06 28.70 21.36
N SER C 283 -33.71 27.58 21.05
CA SER C 283 -35.15 27.57 20.82
C SER C 283 -35.93 27.37 22.12
N GLY C 284 -35.20 27.30 23.24
CA GLY C 284 -35.80 27.14 24.54
C GLY C 284 -36.32 25.73 24.77
N GLY C 285 -35.79 24.77 24.00
CA GLY C 285 -36.20 23.39 24.10
C GLY C 285 -37.41 23.09 23.22
N LYS C 286 -37.41 23.66 22.02
CA LYS C 286 -38.52 23.48 21.07
C LYS C 286 -38.00 23.14 19.68
N GLU C 287 -38.31 21.93 19.21
CA GLU C 287 -37.81 21.43 17.94
C GLU C 287 -38.32 22.26 16.76
N THR C 288 -37.50 23.20 16.31
CA THR C 288 -37.85 24.05 15.17
C THR C 288 -37.10 23.63 13.91
N THR C 289 -37.86 23.37 12.84
CA THR C 289 -37.26 23.01 11.56
C THR C 289 -37.13 24.22 10.65
N ASP C 290 -36.97 25.39 11.27
CA ASP C 290 -36.81 26.64 10.53
C ASP C 290 -35.34 27.06 10.44
N ILE C 291 -34.56 26.69 11.44
CA ILE C 291 -33.19 27.17 11.55
C ILE C 291 -32.14 26.10 11.18
N HIS C 292 -31.26 26.45 10.25
CA HIS C 292 -30.17 25.58 9.85
C HIS C 292 -28.84 26.32 9.89
N VAL C 293 -27.77 25.61 10.24
CA VAL C 293 -26.45 26.22 10.36
C VAL C 293 -25.63 26.05 9.09
N TRP C 294 -25.02 27.14 8.64
CA TRP C 294 -24.15 27.12 7.48
C TRP C 294 -22.74 27.53 7.90
N PRO C 295 -21.80 26.57 7.93
CA PRO C 295 -20.45 26.77 8.45
C PRO C 295 -19.59 27.69 7.59
N LEU C 296 -18.85 28.59 8.22
CA LEU C 296 -17.93 29.47 7.51
C LEU C 296 -16.48 29.19 7.88
N ALA C 297 -16.22 29.08 9.18
CA ALA C 297 -14.86 28.88 9.66
C ALA C 297 -14.82 28.44 11.12
N LEU C 298 -13.66 27.97 11.56
CA LEU C 298 -13.43 27.70 12.97
C LEU C 298 -12.33 28.64 13.47
N ALA C 299 -12.66 29.43 14.49
CA ALA C 299 -11.74 30.42 15.00
C ALA C 299 -11.44 30.20 16.48
N TYR C 300 -10.51 29.28 16.74
CA TYR C 300 -10.08 28.96 18.11
C TYR C 300 -11.24 28.53 19.03
N ASP C 301 -12.15 29.46 19.33
CA ASP C 301 -13.14 29.25 20.38
C ASP C 301 -14.59 29.22 19.88
N THR C 302 -14.83 29.81 18.71
CA THR C 302 -16.18 29.85 18.17
C THR C 302 -16.27 29.34 16.74
N LEU C 303 -17.46 28.92 16.35
CA LEU C 303 -17.73 28.52 14.98
C LEU C 303 -18.40 29.67 14.22
N ASN C 304 -17.67 30.28 13.29
N ASN C 304 -17.67 30.29 13.30
CA ASN C 304 -18.25 31.30 12.43
CA ASN C 304 -18.24 31.30 12.42
C ASN C 304 -19.23 30.65 11.46
C ASN C 304 -19.22 30.65 11.45
N CYS C 305 -20.45 31.16 11.42
CA CYS C 305 -21.49 30.55 10.60
C CYS C 305 -22.60 31.50 10.16
N ILE C 306 -23.49 30.97 9.32
CA ILE C 306 -24.67 31.69 8.88
C ILE C 306 -25.91 30.94 9.37
N LEU C 307 -26.71 31.60 10.21
CA LEU C 307 -27.94 31.01 10.70
C LEU C 307 -29.05 31.19 9.67
N VAL C 308 -29.45 30.10 9.03
CA VAL C 308 -30.39 30.15 7.92
C VAL C 308 -31.82 29.86 8.36
N LYS C 309 -32.71 30.80 8.06
CA LYS C 309 -34.13 30.65 8.37
C LYS C 309 -34.94 30.50 7.08
N GLY C 310 -35.62 29.37 6.93
CA GLY C 310 -36.44 29.13 5.76
C GLY C 310 -36.64 27.66 5.44
N LYS C 311 -37.18 27.39 4.25
CA LYS C 311 -37.39 26.01 3.81
C LYS C 311 -36.06 25.34 3.50
N HIS C 312 -35.22 26.04 2.75
CA HIS C 312 -33.93 25.51 2.34
C HIS C 312 -32.92 25.52 3.47
N ILE C 313 -32.05 24.52 3.50
CA ILE C 313 -31.01 24.43 4.52
C ILE C 313 -29.79 25.25 4.11
N TRP C 314 -29.87 25.89 2.95
CA TRP C 314 -28.79 26.75 2.46
C TRP C 314 -29.25 28.20 2.38
N PRO C 315 -28.32 29.14 2.63
CA PRO C 315 -28.63 30.57 2.61
C PRO C 315 -28.94 31.09 1.20
N GLU C 316 -29.79 32.10 1.13
CA GLU C 316 -30.09 32.75 -0.14
C GLU C 316 -29.74 34.23 -0.07
N PHE C 317 -30.48 35.05 -0.82
CA PHE C 317 -30.19 36.48 -0.89
C PHE C 317 -31.32 37.30 -0.28
N PRO C 318 -30.97 38.27 0.58
CA PRO C 318 -29.60 38.63 0.95
C PRO C 318 -28.99 37.70 1.99
N LEU C 319 -27.68 37.82 2.18
CA LEU C 319 -26.97 36.98 3.15
C LEU C 319 -27.08 37.57 4.54
N PRO C 320 -27.63 36.78 5.49
CA PRO C 320 -27.72 37.19 6.90
C PRO C 320 -26.37 37.55 7.50
N LEU C 321 -26.36 38.35 8.55
CA LEU C 321 -25.12 38.68 9.25
C LEU C 321 -24.54 37.41 9.87
N PRO C 322 -23.21 37.27 9.83
CA PRO C 322 -22.52 36.11 10.40
C PRO C 322 -22.79 35.95 11.89
N SER C 323 -22.94 34.70 12.33
CA SER C 323 -23.14 34.40 13.73
C SER C 323 -21.93 33.66 14.28
N GLU C 324 -21.90 33.46 15.59
CA GLU C 324 -20.82 32.70 16.22
C GLU C 324 -21.37 31.76 17.28
N MET C 325 -21.06 30.48 17.14
CA MET C 325 -21.48 29.48 18.13
C MET C 325 -20.31 29.07 19.01
N GLU C 326 -20.55 29.05 20.32
CA GLU C 326 -19.55 28.62 21.29
C GLU C 326 -19.30 27.12 21.14
N ILE C 327 -18.08 26.69 21.37
CA ILE C 327 -17.73 25.28 21.24
C ILE C 327 -17.95 24.53 22.56
N ILE D 3 11.97 40.26 -25.93
CA ILE D 3 13.33 40.31 -25.43
C ILE D 3 14.14 39.12 -25.88
N ASN D 4 15.27 39.38 -26.53
CA ASN D 4 16.19 38.32 -26.93
C ASN D 4 17.25 38.07 -25.86
N ILE D 5 17.40 36.81 -25.47
CA ILE D 5 18.37 36.44 -24.45
C ILE D 5 19.31 35.34 -24.95
N ASP D 6 19.25 35.07 -26.25
CA ASP D 6 20.07 34.03 -26.87
C ASP D 6 21.56 34.25 -26.61
N ASP D 7 21.97 35.52 -26.63
CA ASP D 7 23.36 35.87 -26.35
C ASP D 7 23.70 35.66 -24.88
N ILE D 8 22.72 35.87 -24.02
CA ILE D 8 22.91 35.70 -22.58
C ILE D 8 22.94 34.22 -22.22
N LEU D 9 22.09 33.43 -22.87
CA LEU D 9 22.05 32.00 -22.64
C LEU D 9 23.35 31.32 -23.07
N ALA D 10 23.90 31.78 -24.19
CA ALA D 10 25.17 31.25 -24.69
C ALA D 10 26.29 31.54 -23.72
N GLU D 11 26.26 32.72 -23.11
CA GLU D 11 27.24 33.13 -22.11
C GLU D 11 27.21 32.23 -20.89
N LEU D 12 26.02 31.75 -20.54
CA LEU D 12 25.85 30.90 -19.36
C LEU D 12 26.41 29.50 -19.61
N ASP D 13 26.34 29.05 -20.86
CA ASP D 13 26.83 27.72 -21.23
C ASP D 13 28.36 27.66 -21.21
N LYS D 14 28.99 28.77 -21.62
CA LYS D 14 30.43 28.82 -21.74
C LYS D 14 31.13 28.78 -20.38
N GLU D 15 30.42 29.21 -19.34
CA GLU D 15 30.95 29.23 -17.98
C GLU D 15 31.42 27.85 -17.53
N ILE E 3 26.58 -39.64 -4.24
CA ILE E 3 27.72 -39.42 -3.35
C ILE E 3 27.31 -39.56 -1.88
N ASN E 4 28.01 -40.42 -1.16
CA ASN E 4 27.77 -40.59 0.27
C ASN E 4 28.66 -39.67 1.10
N ILE E 5 28.06 -38.93 2.02
CA ILE E 5 28.80 -37.99 2.87
C ILE E 5 28.54 -38.25 4.34
N ASP E 6 27.92 -39.39 4.65
CA ASP E 6 27.57 -39.74 6.03
C ASP E 6 28.76 -39.73 6.97
N ASP E 7 29.92 -40.14 6.45
CA ASP E 7 31.15 -40.14 7.24
C ASP E 7 31.65 -38.72 7.50
N ILE E 8 31.42 -37.82 6.54
CA ILE E 8 31.84 -36.44 6.69
C ILE E 8 30.92 -35.71 7.66
N LEU E 9 29.62 -36.03 7.58
CA LEU E 9 28.62 -35.46 8.47
C LEU E 9 28.85 -35.88 9.92
N ALA E 10 29.26 -37.13 10.11
CA ALA E 10 29.55 -37.65 11.44
C ALA E 10 30.70 -36.90 12.12
N GLU E 11 31.71 -36.55 11.33
CA GLU E 11 32.84 -35.78 11.85
C GLU E 11 32.42 -34.39 12.33
N LEU E 12 31.44 -33.81 11.64
CA LEU E 12 30.95 -32.48 11.96
C LEU E 12 30.13 -32.49 13.24
N ASP E 13 29.46 -33.61 13.51
CA ASP E 13 28.62 -33.76 14.70
C ASP E 13 29.47 -33.89 15.96
N LYS E 14 30.60 -34.57 15.85
CA LYS E 14 31.45 -34.84 17.00
C LYS E 14 32.15 -33.58 17.52
N GLU E 15 32.32 -32.60 16.63
CA GLU E 15 32.99 -31.35 16.97
C GLU E 15 32.31 -30.63 18.13
#